data_6YJY
#
_entry.id   6YJY
#
_cell.length_a   119.274
_cell.length_b   119.274
_cell.length_c   334.459
_cell.angle_alpha   90.000
_cell.angle_beta   90.000
_cell.angle_gamma   120.000
#
_symmetry.space_group_name_H-M   'H 3 2'
#
loop_
_entity.id
_entity.type
_entity.pdbx_description
1 polymer 'Glutaminyl-peptide cyclotransferase'
2 non-polymer '2-(N-MORPHOLINO)-ETHANESULFONIC ACID'
3 non-polymer 'SULFATE ION'
4 non-polymer 'ZINC ION'
5 non-polymer 'PYROGLUTAMIC ACID'
6 non-polymer LEUCINE
7 non-polymer TYROSINE
8 non-polymer GLUTAMINE
9 water water
#
_entity_poly.entity_id   1
_entity_poly.type   'polypeptide(L)'
_entity_poly.pdbx_seq_one_letter_code
;GPAWPEEKNYHQPAILNSSALRQIAEGTSISEMWQNDLQPLLIERYPGSPGSYAARQHIMQRIQRLQADWVLEIDTFLSQ
TPYGYRSFSNIISTLNPTAKRHLVLACHYDSKYFSHWNNRVFVGATDSAVPCAMMLELARALDKKLLSLKTVSDSKPDLS
LQLIFFDGEEAFLHWSPQDSLYGSRHLAAKMASTPHPPGARGTSQLHGMDLLVLLDLIGAPNPTFPNFFPNSARWFERLQ
AIEHELHELGLLKDHSLEGRYFQNYSYGGVIQDDHIPFLRRGVPVLHLIPSPFPEVWHTMDDNEENLDESTIDNLNKILQ
VFVLEYLHL
;
_entity_poly.pdbx_strand_id   A,B
#
loop_
_chem_comp.id
_chem_comp.type
_chem_comp.name
_chem_comp.formula
MES non-polymer '2-(N-MORPHOLINO)-ETHANESULFONIC ACID' 'C6 H13 N O4 S'
SO4 non-polymer 'SULFATE ION' 'O4 S -2'
ZN non-polymer 'ZINC ION' 'Zn 2'
#
# COMPACT_ATOMS: atom_id res chain seq x y z
N GLY A 1 -20.01 -15.31 4.12
CA GLY A 1 -18.72 -15.35 4.79
C GLY A 1 -18.63 -16.40 5.89
N PRO A 2 -17.48 -17.07 6.01
CA PRO A 2 -16.31 -16.90 5.15
C PRO A 2 -16.43 -17.65 3.82
N ALA A 3 -17.64 -18.09 3.49
CA ALA A 3 -17.87 -18.71 2.20
C ALA A 3 -18.10 -17.70 1.09
N TRP A 4 -18.22 -16.41 1.39
CA TRP A 4 -18.48 -15.45 0.33
C TRP A 4 -17.43 -15.44 -0.78
N PRO A 5 -16.14 -15.71 -0.54
CA PRO A 5 -15.20 -15.79 -1.68
C PRO A 5 -15.47 -16.94 -2.62
N GLU A 6 -16.31 -17.90 -2.21
N GLU A 6 -16.31 -17.90 -2.21
CA GLU A 6 -16.71 -18.98 -3.11
CA GLU A 6 -16.72 -18.99 -3.09
C GLU A 6 -17.88 -18.61 -4.00
C GLU A 6 -17.92 -18.64 -3.95
N GLU A 7 -18.58 -17.51 -3.71
CA GLU A 7 -19.78 -17.15 -4.48
C GLU A 7 -19.50 -17.04 -5.96
N LYS A 8 -18.30 -16.57 -6.34
CA LYS A 8 -17.95 -16.44 -7.75
C LYS A 8 -18.04 -17.78 -8.47
N ASN A 9 -17.81 -18.88 -7.76
CA ASN A 9 -17.83 -20.20 -8.38
C ASN A 9 -19.23 -20.59 -8.87
N TYR A 10 -20.28 -20.05 -8.23
CA TYR A 10 -21.65 -20.42 -8.53
C TYR A 10 -22.41 -19.30 -9.21
N HIS A 11 -21.78 -18.16 -9.41
CA HIS A 11 -22.45 -17.01 -9.98
C HIS A 11 -22.89 -17.29 -11.42
N GLN A 12 -24.14 -16.97 -11.71
CA GLN A 12 -24.71 -17.15 -13.04
C GLN A 12 -25.07 -15.79 -13.64
N PRO A 13 -25.03 -15.66 -14.96
CA PRO A 13 -25.51 -14.43 -15.59
C PRO A 13 -27.03 -14.33 -15.54
N ALA A 14 -27.51 -13.09 -15.62
CA ALA A 14 -28.93 -12.82 -15.86
C ALA A 14 -29.02 -12.39 -17.32
N ILE A 15 -29.45 -13.32 -18.18
CA ILE A 15 -29.27 -13.17 -19.63
C ILE A 15 -30.30 -12.19 -20.18
N LEU A 16 -29.83 -11.27 -21.04
CA LEU A 16 -30.68 -10.26 -21.66
C LEU A 16 -31.51 -10.86 -22.79
N ASN A 17 -32.77 -10.44 -22.90
CA ASN A 17 -33.62 -10.88 -23.99
C ASN A 17 -33.39 -10.00 -25.23
N SER A 18 -34.10 -10.33 -26.33
CA SER A 18 -33.83 -9.66 -27.61
C SER A 18 -34.06 -8.15 -27.51
N SER A 19 -35.15 -7.74 -26.86
CA SER A 19 -35.40 -6.32 -26.72
C SER A 19 -34.26 -5.62 -25.99
N ALA A 20 -33.76 -6.22 -24.90
CA ALA A 20 -32.70 -5.59 -24.15
C ALA A 20 -31.39 -5.56 -24.96
N LEU A 21 -31.14 -6.62 -25.73
CA LEU A 21 -29.95 -6.64 -26.58
C LEU A 21 -29.99 -5.54 -27.63
N ARG A 22 -31.15 -5.31 -28.24
CA ARG A 22 -31.27 -4.20 -29.18
C ARG A 22 -31.00 -2.88 -28.48
N GLN A 23 -31.47 -2.75 -27.23
CA GLN A 23 -31.26 -1.51 -26.50
C GLN A 23 -29.77 -1.26 -26.24
N ILE A 24 -29.03 -2.32 -25.88
CA ILE A 24 -27.61 -2.14 -25.63
C ILE A 24 -26.89 -1.80 -26.92
N ALA A 25 -27.23 -2.47 -28.02
CA ALA A 25 -26.57 -2.18 -29.29
C ALA A 25 -26.80 -0.73 -29.71
N GLU A 26 -28.01 -0.21 -29.50
N GLU A 26 -28.01 -0.21 -29.50
CA GLU A 26 -28.29 1.17 -29.87
CA GLU A 26 -28.31 1.17 -29.87
C GLU A 26 -27.69 2.18 -28.91
C GLU A 26 -27.71 2.17 -28.90
N GLY A 27 -27.36 1.76 -27.68
CA GLY A 27 -26.92 2.68 -26.66
C GLY A 27 -25.43 3.00 -26.62
N THR A 28 -24.62 2.36 -27.46
CA THR A 28 -23.20 2.65 -27.53
C THR A 28 -22.92 3.34 -28.86
N SER A 29 -21.97 4.28 -28.86
CA SER A 29 -21.68 5.09 -30.04
C SER A 29 -20.20 4.98 -30.36
N ILE A 30 -19.87 4.30 -31.46
CA ILE A 30 -18.47 4.15 -31.82
C ILE A 30 -17.87 5.49 -32.24
N SER A 31 -18.65 6.35 -32.89
CA SER A 31 -18.11 7.66 -33.29
C SER A 31 -17.87 8.56 -32.08
N GLU A 32 -18.77 8.52 -31.08
N GLU A 32 -18.76 8.52 -31.09
CA GLU A 32 -18.54 9.30 -29.86
CA GLU A 32 -18.54 9.31 -29.87
C GLU A 32 -17.32 8.79 -29.12
C GLU A 32 -17.34 8.79 -29.09
N MET A 33 -17.18 7.47 -28.99
CA MET A 33 -15.98 6.92 -28.36
C MET A 33 -14.74 7.36 -29.11
N TRP A 34 -14.78 7.29 -30.45
CA TRP A 34 -13.62 7.64 -31.26
C TRP A 34 -13.16 9.05 -30.97
N GLN A 35 -14.09 10.00 -30.98
CA GLN A 35 -13.73 11.40 -30.84
C GLN A 35 -13.40 11.76 -29.40
N ASN A 36 -14.19 11.28 -28.44
CA ASN A 36 -14.13 11.79 -27.07
C ASN A 36 -13.29 10.97 -26.13
N ASP A 37 -13.14 9.67 -26.39
CA ASP A 37 -12.37 8.78 -25.52
C ASP A 37 -11.07 8.29 -26.14
N LEU A 38 -11.07 7.96 -27.43
CA LEU A 38 -9.91 7.36 -28.06
C LEU A 38 -8.88 8.39 -28.52
N GLN A 39 -9.31 9.37 -29.33
CA GLN A 39 -8.31 10.25 -29.95
C GLN A 39 -7.43 10.96 -28.93
N PRO A 40 -7.94 11.40 -27.76
CA PRO A 40 -7.03 12.01 -26.77
C PRO A 40 -5.97 11.07 -26.24
N LEU A 41 -6.16 9.75 -26.38
CA LEU A 41 -5.15 8.79 -25.93
C LEU A 41 -4.15 8.42 -27.01
N LEU A 42 -4.36 8.81 -28.26
CA LEU A 42 -3.45 8.42 -29.33
C LEU A 42 -2.24 9.35 -29.33
N ILE A 43 -1.51 9.27 -28.21
CA ILE A 43 -0.33 10.10 -27.94
C ILE A 43 0.74 9.21 -27.33
N GLU A 44 1.99 9.67 -27.45
CA GLU A 44 3.10 9.03 -26.74
C GLU A 44 2.89 9.12 -25.23
N ARG A 45 2.84 7.98 -24.53
CA ARG A 45 2.47 7.99 -23.12
C ARG A 45 3.22 6.89 -22.36
N TYR A 46 4.53 6.76 -22.59
CA TYR A 46 5.32 5.82 -21.81
C TYR A 46 5.46 6.32 -20.36
N PRO A 47 5.80 5.44 -19.42
CA PRO A 47 5.71 5.82 -18.01
C PRO A 47 6.65 6.97 -17.69
N GLY A 48 6.14 7.94 -16.93
CA GLY A 48 6.89 9.11 -16.55
C GLY A 48 6.88 10.22 -17.57
N SER A 49 6.31 10.01 -18.76
CA SER A 49 6.31 11.03 -19.80
C SER A 49 5.21 12.05 -19.54
N PRO A 50 5.29 13.23 -20.18
CA PRO A 50 4.15 14.16 -20.15
C PRO A 50 2.87 13.53 -20.67
N GLY A 51 2.99 12.67 -21.68
CA GLY A 51 1.81 12.01 -22.23
C GLY A 51 1.17 11.05 -21.25
N SER A 52 1.98 10.39 -20.41
CA SER A 52 1.39 9.55 -19.36
C SER A 52 0.52 10.37 -18.44
N TYR A 53 1.00 11.55 -18.02
CA TYR A 53 0.19 12.44 -17.19
C TYR A 53 -1.08 12.86 -17.92
N ALA A 54 -0.95 13.25 -19.20
CA ALA A 54 -2.12 13.68 -19.95
C ALA A 54 -3.12 12.55 -20.11
N ALA A 55 -2.63 11.32 -20.32
CA ALA A 55 -3.54 10.20 -20.50
C ALA A 55 -4.27 9.91 -19.19
N ARG A 56 -3.57 9.99 -18.07
CA ARG A 56 -4.18 9.74 -16.77
C ARG A 56 -5.25 10.79 -16.46
N GLN A 57 -4.97 12.06 -16.74
CA GLN A 57 -5.96 13.10 -16.49
C GLN A 57 -7.19 12.90 -17.37
N HIS A 58 -6.97 12.51 -18.63
CA HIS A 58 -8.08 12.26 -19.54
C HIS A 58 -8.96 11.13 -19.03
N ILE A 59 -8.35 10.01 -18.67
CA ILE A 59 -9.11 8.88 -18.14
C ILE A 59 -9.91 9.30 -16.90
N MET A 60 -9.26 10.00 -15.97
CA MET A 60 -9.98 10.43 -14.78
C MET A 60 -11.11 11.40 -15.09
N GLN A 61 -10.88 12.35 -16.00
N GLN A 61 -10.84 12.37 -15.98
CA GLN A 61 -11.90 13.35 -16.26
CA GLN A 61 -11.86 13.36 -16.33
C GLN A 61 -13.11 12.74 -16.98
C GLN A 61 -13.10 12.70 -16.93
N ARG A 62 -12.88 11.74 -17.84
CA ARG A 62 -14.01 11.10 -18.50
C ARG A 62 -14.83 10.25 -17.54
N ILE A 63 -14.19 9.66 -16.54
CA ILE A 63 -14.95 8.91 -15.55
C ILE A 63 -15.69 9.87 -14.61
N GLN A 64 -15.03 10.96 -14.21
CA GLN A 64 -15.62 11.86 -13.23
C GLN A 64 -16.88 12.56 -13.74
N ARG A 65 -17.01 12.72 -15.06
CA ARG A 65 -18.20 13.40 -15.57
C ARG A 65 -19.44 12.52 -15.58
N LEU A 66 -19.31 11.23 -15.29
CA LEU A 66 -20.43 10.30 -15.34
C LEU A 66 -21.27 10.39 -14.06
N GLN A 67 -22.52 9.95 -14.17
CA GLN A 67 -23.45 10.06 -13.04
C GLN A 67 -23.23 8.97 -11.99
N ALA A 68 -22.79 7.78 -12.41
CA ALA A 68 -22.55 6.70 -11.47
C ALA A 68 -21.45 7.10 -10.47
N ASP A 69 -21.48 6.44 -9.32
CA ASP A 69 -20.73 6.88 -8.14
C ASP A 69 -19.31 6.29 -8.14
N TRP A 70 -18.56 6.57 -9.21
CA TRP A 70 -17.20 6.04 -9.33
C TRP A 70 -16.27 6.65 -8.29
N VAL A 71 -15.43 5.82 -7.69
CA VAL A 71 -14.41 6.27 -6.74
C VAL A 71 -13.05 6.05 -7.40
N LEU A 72 -12.32 7.14 -7.62
CA LEU A 72 -11.05 7.07 -8.34
C LEU A 72 -9.90 7.04 -7.33
N GLU A 73 -8.96 6.14 -7.57
CA GLU A 73 -7.75 6.03 -6.75
C GLU A 73 -6.56 5.97 -7.68
N ILE A 74 -5.52 6.75 -7.38
CA ILE A 74 -4.26 6.68 -8.12
C ILE A 74 -3.26 5.97 -7.24
N ASP A 75 -2.73 4.86 -7.74
CA ASP A 75 -1.84 3.97 -7.00
C ASP A 75 -0.43 4.21 -7.52
N THR A 76 0.33 5.05 -6.82
CA THR A 76 1.63 5.52 -7.29
C THR A 76 2.74 4.85 -6.49
N PHE A 77 3.75 4.36 -7.19
CA PHE A 77 4.79 3.57 -6.54
C PHE A 77 6.10 3.72 -7.31
N LEU A 78 7.18 3.32 -6.65
N LEU A 78 7.18 3.35 -6.63
CA LEU A 78 8.51 3.31 -7.22
CA LEU A 78 8.51 3.29 -7.21
C LEU A 78 8.91 1.89 -7.60
C LEU A 78 8.82 1.86 -7.66
N SER A 79 9.61 1.74 -8.72
CA SER A 79 10.18 0.46 -9.09
C SER A 79 11.54 0.69 -9.72
N GLN A 80 12.44 -0.26 -9.50
CA GLN A 80 13.66 -0.32 -10.28
C GLN A 80 13.32 -0.63 -11.74
N THR A 81 14.10 -0.04 -12.67
CA THR A 81 13.93 -0.25 -14.11
C THR A 81 15.32 -0.30 -14.74
N PRO A 82 15.42 -0.65 -16.03
CA PRO A 82 16.74 -0.58 -16.69
C PRO A 82 17.31 0.83 -16.68
N TYR A 83 16.48 1.84 -16.46
CA TYR A 83 16.94 3.23 -16.41
C TYR A 83 16.96 3.77 -14.99
N GLY A 84 16.99 2.89 -13.99
CA GLY A 84 17.03 3.32 -12.61
C GLY A 84 15.64 3.40 -12.01
N TYR A 85 15.60 3.89 -10.76
CA TYR A 85 14.32 4.02 -10.07
C TYR A 85 13.42 5.00 -10.82
N ARG A 86 12.15 4.62 -10.97
CA ARG A 86 11.15 5.45 -11.62
C ARG A 86 9.81 5.31 -10.91
N SER A 87 8.94 6.31 -11.12
CA SER A 87 7.61 6.33 -10.55
C SER A 87 6.58 5.89 -11.58
N PHE A 88 5.56 5.16 -11.11
CA PHE A 88 4.47 4.64 -11.94
C PHE A 88 3.15 4.94 -11.24
N SER A 89 2.06 5.02 -11.99
CA SER A 89 0.75 5.33 -11.39
C SER A 89 -0.34 4.50 -12.08
N ASN A 90 -0.86 3.48 -11.38
CA ASN A 90 -2.06 2.80 -11.83
C ASN A 90 -3.28 3.66 -11.53
N ILE A 91 -4.32 3.53 -12.36
CA ILE A 91 -5.61 4.18 -12.13
C ILE A 91 -6.63 3.10 -11.80
N ILE A 92 -7.32 3.24 -10.68
CA ILE A 92 -8.37 2.30 -10.28
C ILE A 92 -9.66 3.10 -10.11
N SER A 93 -10.70 2.64 -10.77
CA SER A 93 -12.02 3.29 -10.71
C SER A 93 -13.01 2.26 -10.20
N THR A 94 -13.66 2.54 -9.06
CA THR A 94 -14.43 1.50 -8.39
C THR A 94 -15.84 1.97 -8.07
N LEU A 95 -16.85 1.17 -8.41
CA LEU A 95 -18.20 1.37 -7.89
C LEU A 95 -18.36 0.52 -6.63
N ASN A 96 -18.93 1.12 -5.57
CA ASN A 96 -19.16 0.44 -4.30
C ASN A 96 -17.87 -0.15 -3.74
N PRO A 97 -16.92 0.67 -3.30
CA PRO A 97 -15.64 0.13 -2.80
C PRO A 97 -15.78 -0.87 -1.66
N THR A 98 -16.83 -0.80 -0.85
CA THR A 98 -16.95 -1.76 0.26
C THR A 98 -17.72 -3.02 -0.12
N ALA A 99 -18.27 -3.10 -1.33
CA ALA A 99 -18.91 -4.35 -1.73
C ALA A 99 -17.87 -5.45 -1.72
N LYS A 100 -18.25 -6.64 -1.23
CA LYS A 100 -17.26 -7.70 -1.07
C LYS A 100 -16.67 -8.14 -2.40
N ARG A 101 -17.49 -8.18 -3.46
CA ARG A 101 -17.10 -8.77 -4.74
C ARG A 101 -17.14 -7.73 -5.84
N HIS A 102 -16.15 -7.75 -6.73
CA HIS A 102 -16.21 -6.95 -7.95
C HIS A 102 -15.84 -7.78 -9.18
N LEU A 103 -16.59 -7.55 -10.25
CA LEU A 103 -16.12 -7.86 -11.60
C LEU A 103 -15.12 -6.79 -12.00
N VAL A 104 -13.97 -7.20 -12.56
CA VAL A 104 -12.89 -6.27 -12.85
C VAL A 104 -12.59 -6.28 -14.35
N LEU A 105 -12.70 -5.10 -14.99
CA LEU A 105 -12.22 -4.90 -16.36
C LEU A 105 -10.93 -4.12 -16.29
N ALA A 106 -9.96 -4.49 -17.14
CA ALA A 106 -8.65 -3.86 -17.06
C ALA A 106 -7.99 -3.80 -18.42
N CYS A 107 -7.06 -2.85 -18.54
CA CYS A 107 -6.11 -2.79 -19.65
C CYS A 107 -4.90 -2.02 -19.16
N HIS A 108 -3.91 -1.83 -20.04
CA HIS A 108 -2.77 -0.96 -19.70
C HIS A 108 -2.89 0.36 -20.46
N TYR A 109 -2.57 1.48 -19.80
CA TYR A 109 -2.68 2.75 -20.48
C TYR A 109 -1.33 3.36 -20.87
N ASP A 110 -0.21 2.76 -20.47
CA ASP A 110 1.08 3.21 -20.97
C ASP A 110 1.26 2.77 -22.42
N SER A 111 2.12 3.47 -23.15
CA SER A 111 2.56 3.02 -24.46
C SER A 111 4.04 2.67 -24.36
N LYS A 112 4.46 1.68 -25.14
CA LYS A 112 5.84 1.22 -25.11
C LYS A 112 6.79 2.32 -25.55
N TYR A 113 7.91 2.44 -24.83
CA TYR A 113 8.88 3.48 -25.17
C TYR A 113 9.63 3.16 -26.46
N PHE A 114 9.66 4.13 -27.37
CA PHE A 114 10.51 4.09 -28.56
C PHE A 114 11.07 5.47 -28.80
N SER A 115 12.34 5.56 -29.18
CA SER A 115 12.83 6.83 -29.72
C SER A 115 12.13 7.14 -31.04
N HIS A 116 11.89 8.43 -31.28
CA HIS A 116 11.26 8.83 -32.53
C HIS A 116 12.11 8.36 -33.71
N TRP A 117 11.45 7.77 -34.71
CA TRP A 117 12.12 7.19 -35.86
C TRP A 117 11.47 7.73 -37.12
N ASN A 118 12.25 8.43 -37.95
CA ASN A 118 11.73 9.06 -39.16
C ASN A 118 10.55 9.97 -38.84
N ASN A 119 10.64 10.70 -37.74
CA ASN A 119 9.61 11.62 -37.27
C ASN A 119 8.31 10.90 -36.93
N ARG A 120 8.35 9.59 -36.76
CA ARG A 120 7.17 8.85 -36.33
C ARG A 120 7.27 8.55 -34.85
N VAL A 121 6.10 8.46 -34.20
CA VAL A 121 5.98 8.26 -32.77
C VAL A 121 5.06 7.07 -32.52
N PHE A 122 5.44 6.22 -31.56
CA PHE A 122 4.61 5.04 -31.27
C PHE A 122 3.49 5.42 -30.33
N VAL A 123 2.24 5.22 -30.77
CA VAL A 123 1.08 5.55 -29.93
C VAL A 123 0.29 4.32 -29.51
N GLY A 124 0.69 3.12 -29.94
CA GLY A 124 0.01 1.93 -29.42
C GLY A 124 -1.50 1.97 -29.53
N ALA A 125 -2.00 2.13 -30.76
CA ALA A 125 -3.44 2.26 -30.98
C ALA A 125 -4.19 1.03 -30.46
N THR A 126 -3.81 -0.17 -30.90
CA THR A 126 -4.41 -1.38 -30.34
C THR A 126 -3.87 -1.71 -28.96
N ASP A 127 -2.76 -1.07 -28.56
CA ASP A 127 -1.86 -1.57 -27.53
C ASP A 127 -1.48 -0.43 -26.56
N SER A 128 -2.41 0.04 -25.71
CA SER A 128 -3.82 -0.40 -25.66
C SER A 128 -4.78 0.78 -25.57
N ALA A 129 -4.57 1.78 -26.44
CA ALA A 129 -5.46 2.93 -26.44
C ALA A 129 -6.91 2.53 -26.71
N VAL A 130 -7.13 1.62 -27.67
CA VAL A 130 -8.49 1.14 -27.94
C VAL A 130 -9.10 0.42 -26.72
N PRO A 131 -8.44 -0.58 -26.12
CA PRO A 131 -8.98 -1.09 -24.83
C PRO A 131 -9.31 0.02 -23.83
N CYS A 132 -8.44 1.02 -23.65
CA CYS A 132 -8.78 2.10 -22.71
C CYS A 132 -10.09 2.76 -23.09
N ALA A 133 -10.23 3.10 -24.38
CA ALA A 133 -11.42 3.81 -24.84
C ALA A 133 -12.65 2.93 -24.76
N MET A 134 -12.48 1.62 -24.95
CA MET A 134 -13.62 0.71 -24.81
C MET A 134 -14.11 0.69 -23.37
N MET A 135 -13.20 0.72 -22.41
CA MET A 135 -13.63 0.73 -21.02
C MET A 135 -14.32 2.06 -20.70
N LEU A 136 -13.82 3.16 -21.24
CA LEU A 136 -14.48 4.45 -20.97
C LEU A 136 -15.85 4.50 -21.65
N GLU A 137 -15.96 3.97 -22.85
CA GLU A 137 -17.25 3.96 -23.54
C GLU A 137 -18.24 3.05 -22.82
N LEU A 138 -17.77 1.92 -22.28
CA LEU A 138 -18.66 1.05 -21.51
C LEU A 138 -19.20 1.80 -20.30
N ALA A 139 -18.32 2.49 -19.58
CA ALA A 139 -18.77 3.26 -18.43
C ALA A 139 -19.79 4.32 -18.83
N ARG A 140 -19.55 5.00 -19.94
CA ARG A 140 -20.51 6.01 -20.39
C ARG A 140 -21.82 5.37 -20.85
N ALA A 141 -21.74 4.33 -21.69
CA ALA A 141 -22.96 3.79 -22.28
C ALA A 141 -23.86 3.14 -21.24
N LEU A 142 -23.27 2.51 -20.22
CA LEU A 142 -24.02 1.85 -19.16
C LEU A 142 -24.26 2.73 -17.94
N ASP A 143 -24.01 4.04 -18.05
CA ASP A 143 -23.98 4.91 -16.88
C ASP A 143 -25.30 4.89 -16.10
N LYS A 144 -26.43 4.94 -16.81
CA LYS A 144 -27.71 4.95 -16.12
C LYS A 144 -27.95 3.66 -15.35
N LYS A 145 -27.58 2.52 -15.93
N LYS A 145 -27.57 2.52 -15.92
CA LYS A 145 -27.73 1.23 -15.24
CA LYS A 145 -27.75 1.25 -15.22
C LYS A 145 -26.75 1.12 -14.08
C LYS A 145 -26.74 1.08 -14.09
N LEU A 146 -25.51 1.56 -14.27
CA LEU A 146 -24.52 1.44 -13.20
C LEU A 146 -24.87 2.36 -12.03
N LEU A 147 -25.54 3.47 -12.30
CA LEU A 147 -25.99 4.37 -11.25
C LEU A 147 -26.94 3.67 -10.28
N SER A 148 -27.68 2.67 -10.75
CA SER A 148 -28.59 1.94 -9.88
C SER A 148 -27.85 1.11 -8.84
N LEU A 149 -26.55 0.87 -9.03
CA LEU A 149 -25.76 0.18 -8.00
C LEU A 149 -25.50 1.04 -6.78
N LYS A 150 -25.82 2.34 -6.83
CA LYS A 150 -25.41 3.25 -5.78
C LYS A 150 -26.03 2.88 -4.44
N THR A 151 -25.19 2.89 -3.40
CA THR A 151 -25.60 2.39 -2.09
C THR A 151 -26.53 3.40 -1.41
N VAL A 152 -27.75 2.97 -1.12
CA VAL A 152 -28.68 3.75 -0.33
C VAL A 152 -29.13 2.90 0.85
N SER A 153 -30.08 3.40 1.64
CA SER A 153 -30.55 2.64 2.80
C SER A 153 -31.33 1.39 2.40
N ASP A 154 -31.76 1.29 1.14
CA ASP A 154 -32.59 0.19 0.69
C ASP A 154 -31.81 -0.94 0.03
N SER A 155 -30.71 -0.64 -0.66
CA SER A 155 -29.96 -1.67 -1.39
C SER A 155 -28.46 -1.39 -1.27
N LYS A 156 -27.71 -2.41 -0.88
CA LYS A 156 -26.25 -2.34 -0.78
C LYS A 156 -25.66 -3.50 -1.56
N PRO A 157 -25.08 -3.25 -2.75
CA PRO A 157 -24.62 -4.36 -3.60
C PRO A 157 -23.63 -5.30 -2.92
N ASP A 158 -23.84 -6.60 -3.16
CA ASP A 158 -22.87 -7.65 -2.88
C ASP A 158 -21.77 -7.70 -3.92
N LEU A 159 -22.09 -7.34 -5.15
CA LEU A 159 -21.23 -7.48 -6.32
C LEU A 159 -21.32 -6.19 -7.11
N SER A 160 -20.19 -5.61 -7.48
CA SER A 160 -20.20 -4.38 -8.30
C SER A 160 -19.05 -4.45 -9.30
N LEU A 161 -18.66 -3.29 -9.83
CA LEU A 161 -17.78 -3.18 -10.98
C LEU A 161 -16.55 -2.35 -10.64
N GLN A 162 -15.40 -2.76 -11.15
CA GLN A 162 -14.16 -2.02 -10.99
C GLN A 162 -13.42 -2.00 -12.31
N LEU A 163 -12.83 -0.85 -12.64
CA LEU A 163 -11.94 -0.71 -13.80
C LEU A 163 -10.52 -0.46 -13.31
N ILE A 164 -9.55 -1.12 -13.93
CA ILE A 164 -8.14 -0.88 -13.63
C ILE A 164 -7.42 -0.52 -14.93
N PHE A 165 -6.69 0.59 -14.91
CA PHE A 165 -5.83 1.00 -16.02
C PHE A 165 -4.39 0.91 -15.49
N PHE A 166 -3.66 -0.13 -15.91
CA PHE A 166 -2.31 -0.37 -15.40
C PHE A 166 -1.30 0.54 -16.07
N ASP A 167 -0.36 1.05 -15.28
CA ASP A 167 0.82 1.71 -15.84
C ASP A 167 1.90 0.65 -16.06
N GLY A 168 2.85 0.97 -16.94
CA GLY A 168 4.08 0.18 -17.05
C GLY A 168 3.92 -1.29 -17.42
N GLU A 169 2.90 -1.63 -18.22
CA GLU A 169 2.81 -3.01 -18.69
C GLU A 169 4.01 -3.37 -19.55
N GLU A 170 4.47 -2.44 -20.38
CA GLU A 170 5.52 -2.70 -21.36
C GLU A 170 6.90 -2.68 -20.74
N ALA A 171 7.80 -3.47 -21.33
CA ALA A 171 9.21 -3.36 -21.01
C ALA A 171 9.75 -2.02 -21.50
N PHE A 172 10.69 -1.45 -20.76
CA PHE A 172 11.45 -0.33 -21.28
C PHE A 172 12.39 -0.78 -22.39
N LEU A 173 12.92 -2.02 -22.30
CA LEU A 173 13.75 -2.60 -23.35
C LEU A 173 12.96 -3.66 -24.12
N HIS A 174 13.42 -4.92 -24.14
CA HIS A 174 12.55 -6.03 -24.49
C HIS A 174 12.18 -6.79 -23.22
N TRP A 175 11.14 -7.63 -23.32
N TRP A 175 11.16 -7.64 -23.33
CA TRP A 175 10.57 -8.26 -22.13
CA TRP A 175 10.56 -8.28 -22.17
C TRP A 175 11.63 -8.99 -21.32
C TRP A 175 11.59 -9.04 -21.33
N SER A 176 11.51 -8.85 -20.00
CA SER A 176 12.24 -9.66 -19.05
C SER A 176 11.41 -9.71 -17.79
N PRO A 177 11.64 -10.69 -16.92
CA PRO A 177 10.79 -10.79 -15.72
C PRO A 177 10.84 -9.55 -14.86
N GLN A 178 11.98 -8.85 -14.84
CA GLN A 178 12.09 -7.63 -14.05
C GLN A 178 11.77 -6.38 -14.84
N ASP A 179 11.72 -6.44 -16.18
CA ASP A 179 11.45 -5.25 -16.99
C ASP A 179 10.17 -5.50 -17.78
N SER A 180 9.03 -5.37 -17.09
CA SER A 180 7.69 -5.51 -17.64
C SER A 180 6.70 -5.59 -16.48
N LEU A 181 5.43 -5.37 -16.78
CA LEU A 181 4.34 -5.58 -15.82
C LEU A 181 4.56 -4.83 -14.50
N TYR A 182 5.10 -3.62 -14.59
CA TYR A 182 5.42 -2.88 -13.37
C TYR A 182 4.18 -2.62 -12.54
N GLY A 183 3.14 -2.09 -13.20
CA GLY A 183 1.93 -1.71 -12.48
C GLY A 183 1.14 -2.90 -11.96
N SER A 184 1.02 -3.96 -12.77
CA SER A 184 0.23 -5.12 -12.33
C SER A 184 0.98 -5.93 -11.27
N ARG A 185 2.30 -6.08 -11.38
CA ARG A 185 3.01 -6.78 -10.30
C ARG A 185 2.84 -6.03 -8.98
N HIS A 186 2.92 -4.69 -9.02
CA HIS A 186 2.73 -3.91 -7.81
C HIS A 186 1.32 -4.04 -7.26
N LEU A 187 0.31 -3.86 -8.13
CA LEU A 187 -1.07 -3.80 -7.63
C LEU A 187 -1.56 -5.16 -7.15
N ALA A 188 -1.17 -6.24 -7.85
CA ALA A 188 -1.55 -7.57 -7.37
C ALA A 188 -1.01 -7.83 -5.97
N ALA A 189 0.26 -7.47 -5.73
CA ALA A 189 0.84 -7.66 -4.41
C ALA A 189 0.14 -6.79 -3.37
N LYS A 190 -0.20 -5.55 -3.75
N LYS A 190 -0.20 -5.55 -3.75
CA LYS A 190 -0.92 -4.67 -2.85
CA LYS A 190 -0.92 -4.67 -2.85
C LYS A 190 -2.31 -5.22 -2.51
C LYS A 190 -2.31 -5.22 -2.51
N MET A 191 -3.07 -5.62 -3.53
CA MET A 191 -4.41 -6.15 -3.26
C MET A 191 -4.35 -7.44 -2.46
N ALA A 192 -3.34 -8.27 -2.70
CA ALA A 192 -3.20 -9.51 -1.96
C ALA A 192 -2.97 -9.28 -0.48
N SER A 193 -2.40 -8.13 -0.11
CA SER A 193 -2.08 -7.83 1.28
C SER A 193 -3.00 -6.77 1.87
N THR A 194 -4.15 -6.51 1.25
CA THR A 194 -5.11 -5.54 1.80
C THR A 194 -6.38 -6.26 2.24
N PRO A 195 -6.75 -6.23 3.52
CA PRO A 195 -8.00 -6.90 3.92
C PRO A 195 -9.20 -6.34 3.19
N HIS A 196 -10.16 -7.22 2.88
CA HIS A 196 -11.37 -6.79 2.20
C HIS A 196 -12.49 -7.75 2.55
N PRO A 197 -13.70 -7.25 2.88
CA PRO A 197 -14.04 -5.83 3.00
C PRO A 197 -13.34 -5.20 4.20
N PRO A 198 -13.39 -3.88 4.35
CA PRO A 198 -12.75 -3.24 5.50
C PRO A 198 -13.08 -3.94 6.81
N GLY A 199 -12.04 -4.17 7.63
CA GLY A 199 -12.20 -4.87 8.89
C GLY A 199 -12.08 -6.38 8.83
N ALA A 200 -11.98 -6.97 7.64
CA ALA A 200 -11.95 -8.42 7.51
C ALA A 200 -10.71 -8.99 8.19
N ARG A 201 -10.87 -10.18 8.78
CA ARG A 201 -9.76 -10.83 9.47
C ARG A 201 -8.88 -11.66 8.54
N GLY A 202 -9.44 -12.25 7.48
CA GLY A 202 -8.70 -13.25 6.73
C GLY A 202 -8.91 -13.29 5.22
N THR A 203 -9.56 -12.27 4.67
CA THR A 203 -9.81 -12.19 3.24
C THR A 203 -9.22 -10.90 2.68
N SER A 204 -8.77 -10.96 1.42
CA SER A 204 -8.07 -9.85 0.79
C SER A 204 -8.88 -9.26 -0.34
N GLN A 205 -8.41 -8.13 -0.87
CA GLN A 205 -9.00 -7.58 -2.10
C GLN A 205 -8.90 -8.56 -3.27
N LEU A 206 -7.86 -9.40 -3.31
CA LEU A 206 -7.78 -10.40 -4.37
C LEU A 206 -8.91 -11.42 -4.26
N HIS A 207 -9.26 -11.84 -3.04
CA HIS A 207 -10.38 -12.76 -2.91
C HIS A 207 -11.68 -12.14 -3.42
N GLY A 208 -11.79 -10.81 -3.35
CA GLY A 208 -12.98 -10.15 -3.85
C GLY A 208 -13.04 -9.99 -5.35
N MET A 209 -11.95 -10.30 -6.05
N MET A 209 -11.97 -10.33 -6.05
CA MET A 209 -11.95 -10.20 -7.51
CA MET A 209 -11.95 -10.18 -7.50
C MET A 209 -12.68 -11.41 -8.07
C MET A 209 -12.64 -11.38 -8.14
N ASP A 210 -13.92 -11.21 -8.50
CA ASP A 210 -14.70 -12.31 -9.07
C ASP A 210 -14.01 -12.88 -10.30
N LEU A 211 -13.55 -11.98 -11.17
CA LEU A 211 -13.06 -12.33 -12.50
C LEU A 211 -12.31 -11.11 -13.00
N LEU A 212 -11.10 -11.31 -13.52
CA LEU A 212 -10.34 -10.24 -14.15
C LEU A 212 -10.49 -10.39 -15.66
N VAL A 213 -11.16 -9.43 -16.29
CA VAL A 213 -11.33 -9.42 -17.75
C VAL A 213 -10.31 -8.43 -18.29
N LEU A 214 -9.25 -8.94 -18.91
CA LEU A 214 -8.13 -8.10 -19.33
C LEU A 214 -8.19 -7.94 -20.84
N LEU A 215 -8.35 -6.70 -21.31
N LEU A 215 -8.36 -6.70 -21.30
CA LEU A 215 -8.39 -6.38 -22.73
CA LEU A 215 -8.38 -6.37 -22.71
C LEU A 215 -7.03 -5.91 -23.19
C LEU A 215 -6.98 -5.96 -23.14
N ASP A 216 -6.52 -6.50 -24.27
CA ASP A 216 -5.21 -6.11 -24.78
C ASP A 216 -5.15 -6.36 -26.28
N LEU A 217 -4.49 -5.44 -27.00
CA LEU A 217 -4.21 -5.61 -28.44
C LEU A 217 -5.50 -5.73 -29.25
N ILE A 218 -6.48 -4.89 -28.94
CA ILE A 218 -7.77 -4.94 -29.61
C ILE A 218 -7.88 -3.76 -30.58
N GLY A 219 -8.45 -4.00 -31.76
CA GLY A 219 -8.68 -2.92 -32.72
C GLY A 219 -8.30 -3.27 -34.14
N ALA A 220 -7.58 -4.39 -34.34
CA ALA A 220 -7.18 -4.82 -35.66
C ALA A 220 -8.29 -5.65 -36.30
N PRO A 221 -8.25 -5.85 -37.62
CA PRO A 221 -9.27 -6.70 -38.26
C PRO A 221 -9.15 -8.17 -37.88
N ASN A 222 -10.30 -8.86 -37.90
CA ASN A 222 -10.37 -10.30 -37.76
C ASN A 222 -9.65 -10.89 -36.54
N PRO A 223 -9.85 -10.32 -35.35
CA PRO A 223 -9.22 -10.92 -34.18
C PRO A 223 -9.82 -12.28 -33.86
N THR A 224 -8.99 -13.19 -33.34
CA THR A 224 -9.47 -14.45 -32.81
C THR A 224 -8.96 -14.59 -31.38
N PHE A 225 -9.89 -14.63 -30.41
CA PHE A 225 -9.56 -14.76 -28.98
C PHE A 225 -9.67 -16.21 -28.56
N PRO A 226 -8.60 -16.84 -28.08
CA PRO A 226 -8.73 -18.21 -27.59
C PRO A 226 -9.26 -18.27 -26.16
N ASN A 227 -9.74 -19.45 -25.82
CA ASN A 227 -10.28 -19.77 -24.49
C ASN A 227 -9.11 -20.28 -23.66
N PHE A 228 -8.44 -19.36 -22.96
CA PHE A 228 -7.14 -19.70 -22.36
C PHE A 228 -7.26 -20.59 -21.13
N PHE A 229 -8.26 -20.37 -20.26
CA PHE A 229 -8.21 -20.96 -18.92
C PHE A 229 -9.46 -21.77 -18.58
N PRO A 230 -9.31 -22.98 -18.06
CA PRO A 230 -10.50 -23.77 -17.70
C PRO A 230 -11.35 -23.14 -16.61
N ASN A 231 -10.77 -22.38 -15.68
CA ASN A 231 -11.64 -21.85 -14.62
C ASN A 231 -12.34 -20.56 -15.02
N SER A 232 -12.18 -20.09 -16.27
CA SER A 232 -13.04 -19.04 -16.81
C SER A 232 -13.73 -19.47 -18.10
N ALA A 233 -13.64 -20.76 -18.45
CA ALA A 233 -14.18 -21.23 -19.74
C ALA A 233 -15.67 -20.96 -19.86
N ARG A 234 -16.42 -21.08 -18.76
CA ARG A 234 -17.86 -20.88 -18.86
C ARG A 234 -18.20 -19.43 -19.19
N TRP A 235 -17.32 -18.50 -18.82
CA TRP A 235 -17.56 -17.09 -19.16
C TRP A 235 -17.12 -16.79 -20.58
N PHE A 236 -16.05 -17.46 -21.04
CA PHE A 236 -15.72 -17.40 -22.46
C PHE A 236 -16.89 -17.89 -23.30
N GLU A 237 -17.53 -18.97 -22.88
N GLU A 237 -17.53 -18.99 -22.88
CA GLU A 237 -18.68 -19.48 -23.61
CA GLU A 237 -18.70 -19.51 -23.57
C GLU A 237 -19.82 -18.48 -23.64
C GLU A 237 -19.82 -18.48 -23.62
N ARG A 238 -19.95 -17.65 -22.59
CA ARG A 238 -20.96 -16.59 -22.61
C ARG A 238 -20.62 -15.53 -23.64
N LEU A 239 -19.36 -15.13 -23.74
CA LEU A 239 -18.97 -14.23 -24.84
C LEU A 239 -19.35 -14.83 -26.19
N GLN A 240 -19.11 -16.13 -26.38
CA GLN A 240 -19.49 -16.77 -27.64
C GLN A 240 -20.98 -16.66 -27.88
N ALA A 241 -21.76 -16.89 -26.83
CA ALA A 241 -23.23 -16.90 -26.97
C ALA A 241 -23.76 -15.50 -27.25
N ILE A 242 -23.19 -14.50 -26.57
CA ILE A 242 -23.55 -13.11 -26.80
C ILE A 242 -23.22 -12.70 -28.23
N GLU A 243 -22.00 -13.00 -28.67
CA GLU A 243 -21.64 -12.72 -30.06
C GLU A 243 -22.60 -13.39 -31.02
N HIS A 244 -22.95 -14.65 -30.76
CA HIS A 244 -23.82 -15.37 -31.69
C HIS A 244 -25.19 -14.72 -31.74
N GLU A 245 -25.75 -14.35 -30.58
CA GLU A 245 -27.10 -13.82 -30.55
C GLU A 245 -27.16 -12.40 -31.11
N LEU A 246 -26.19 -11.54 -30.75
CA LEU A 246 -26.12 -10.23 -31.40
C LEU A 246 -26.00 -10.37 -32.91
N HIS A 247 -25.18 -11.31 -33.37
CA HIS A 247 -25.09 -11.56 -34.81
C HIS A 247 -26.45 -11.92 -35.40
N GLU A 248 -27.14 -12.89 -34.79
CA GLU A 248 -28.38 -13.39 -35.38
C GLU A 248 -29.47 -12.33 -35.40
N LEU A 249 -29.43 -11.40 -34.44
CA LEU A 249 -30.38 -10.29 -34.39
C LEU A 249 -30.01 -9.15 -35.34
N GLY A 250 -28.91 -9.27 -36.08
CA GLY A 250 -28.53 -8.23 -37.01
C GLY A 250 -27.95 -7.00 -36.35
N LEU A 251 -27.37 -7.16 -35.17
CA LEU A 251 -26.89 -6.04 -34.37
C LEU A 251 -25.37 -5.84 -34.46
N LEU A 252 -24.68 -6.64 -35.27
CA LEU A 252 -23.25 -6.47 -35.52
C LEU A 252 -23.04 -6.01 -36.96
N LYS A 253 -21.89 -5.41 -37.21
CA LYS A 253 -21.59 -4.80 -38.50
C LYS A 253 -20.46 -5.55 -39.19
N ASP A 254 -20.64 -5.88 -40.48
CA ASP A 254 -19.61 -6.52 -41.28
C ASP A 254 -19.05 -7.74 -40.55
N HIS A 255 -19.95 -8.62 -40.13
CA HIS A 255 -19.62 -9.71 -39.20
C HIS A 255 -20.20 -11.01 -39.74
N SER A 256 -19.42 -12.10 -39.71
CA SER A 256 -19.95 -13.41 -40.06
C SER A 256 -19.58 -14.39 -38.95
N LEU A 257 -20.35 -15.48 -38.85
CA LEU A 257 -20.05 -16.49 -37.84
C LEU A 257 -18.80 -17.27 -38.21
N GLU A 258 -18.57 -17.50 -39.51
CA GLU A 258 -17.32 -18.11 -39.93
C GLU A 258 -16.12 -17.27 -39.47
N GLY A 259 -16.28 -15.94 -39.47
CA GLY A 259 -15.24 -15.04 -39.00
C GLY A 259 -15.48 -14.51 -37.60
N ARG A 260 -16.10 -15.31 -36.74
CA ARG A 260 -16.41 -14.84 -35.40
C ARG A 260 -15.14 -14.61 -34.59
N TYR A 261 -15.26 -13.78 -33.54
CA TYR A 261 -14.10 -13.43 -32.74
C TYR A 261 -13.80 -14.47 -31.67
N PHE A 262 -14.83 -15.07 -31.06
CA PHE A 262 -14.62 -15.99 -29.95
C PHE A 262 -14.77 -17.42 -30.46
N GLN A 263 -13.67 -18.04 -30.80
CA GLN A 263 -13.72 -19.31 -31.50
C GLN A 263 -13.50 -20.46 -30.54
N ASN A 264 -13.90 -21.65 -30.97
CA ASN A 264 -13.82 -22.85 -30.14
C ASN A 264 -12.42 -23.45 -30.25
N TYR A 265 -11.47 -22.80 -29.61
CA TYR A 265 -10.13 -23.36 -29.55
C TYR A 265 -9.38 -22.80 -28.35
N SER A 266 -8.53 -23.63 -27.78
CA SER A 266 -7.75 -23.29 -26.60
C SER A 266 -6.36 -22.82 -27.02
N TYR A 267 -5.58 -22.43 -26.01
CA TYR A 267 -4.22 -21.96 -26.22
C TYR A 267 -3.40 -22.48 -25.04
N GLY A 268 -2.48 -23.41 -25.32
CA GLY A 268 -1.77 -24.07 -24.23
C GLY A 268 -0.70 -23.22 -23.59
N GLY A 269 -0.06 -22.34 -24.36
CA GLY A 269 1.08 -21.59 -23.89
C GLY A 269 0.73 -20.46 -22.94
N VAL A 270 1.78 -19.76 -22.49
CA VAL A 270 1.65 -18.62 -21.59
C VAL A 270 1.90 -17.36 -22.40
N ILE A 271 1.02 -16.38 -22.28
CA ILE A 271 1.25 -15.04 -22.80
C ILE A 271 1.54 -14.13 -21.62
N GLN A 272 2.68 -13.44 -21.65
CA GLN A 272 3.00 -12.50 -20.58
C GLN A 272 2.14 -11.25 -20.75
N ASP A 273 1.39 -10.90 -19.71
CA ASP A 273 0.54 -9.71 -19.71
C ASP A 273 0.19 -9.40 -18.27
N ASP A 274 -0.59 -8.34 -18.09
CA ASP A 274 -0.93 -7.83 -16.75
C ASP A 274 -1.74 -8.81 -15.91
N HIS A 275 -2.32 -9.84 -16.53
CA HIS A 275 -3.06 -10.82 -15.73
C HIS A 275 -2.14 -11.75 -14.95
N ILE A 276 -0.88 -11.89 -15.36
CA ILE A 276 0.00 -12.91 -14.77
C ILE A 276 0.14 -12.76 -13.26
N PRO A 277 0.38 -11.58 -12.70
CA PRO A 277 0.55 -11.50 -11.23
C PRO A 277 -0.73 -11.81 -10.47
N PHE A 278 -1.89 -11.66 -11.12
CA PHE A 278 -3.18 -12.02 -10.53
C PHE A 278 -3.46 -13.50 -10.68
N LEU A 279 -3.24 -14.03 -11.89
CA LEU A 279 -3.42 -15.46 -12.14
C LEU A 279 -2.56 -16.30 -11.20
N ARG A 280 -1.30 -15.90 -10.99
CA ARG A 280 -0.42 -16.71 -10.14
C ARG A 280 -0.78 -16.59 -8.66
N ARG A 281 -1.73 -15.74 -8.31
CA ARG A 281 -2.25 -15.65 -6.96
C ARG A 281 -3.67 -16.18 -6.86
N GLY A 282 -4.15 -16.85 -7.90
CA GLY A 282 -5.42 -17.54 -7.87
C GLY A 282 -6.63 -16.75 -8.33
N VAL A 283 -6.44 -15.62 -9.00
CA VAL A 283 -7.59 -14.87 -9.51
C VAL A 283 -8.03 -15.48 -10.84
N PRO A 284 -9.31 -15.78 -11.03
CA PRO A 284 -9.78 -16.22 -12.36
C PRO A 284 -9.64 -15.10 -13.38
N VAL A 285 -9.15 -15.45 -14.57
CA VAL A 285 -8.83 -14.49 -15.62
C VAL A 285 -9.56 -14.87 -16.90
N LEU A 286 -10.17 -13.88 -17.53
CA LEU A 286 -10.67 -13.97 -18.90
C LEU A 286 -9.78 -13.01 -19.69
N HIS A 287 -8.84 -13.57 -20.47
CA HIS A 287 -7.81 -12.77 -21.13
C HIS A 287 -8.25 -12.50 -22.56
N LEU A 288 -8.78 -11.29 -22.80
CA LEU A 288 -9.25 -10.90 -24.12
C LEU A 288 -8.09 -10.25 -24.89
N ILE A 289 -7.17 -11.12 -25.30
CA ILE A 289 -6.05 -10.77 -26.17
C ILE A 289 -6.16 -11.69 -27.38
N PRO A 290 -5.98 -11.20 -28.60
CA PRO A 290 -6.07 -12.08 -29.76
C PRO A 290 -4.81 -12.90 -29.96
N SER A 291 -4.97 -14.03 -30.60
CA SER A 291 -3.85 -14.84 -31.07
C SER A 291 -4.15 -15.31 -32.48
N PRO A 292 -3.35 -14.90 -33.48
CA PRO A 292 -2.12 -14.10 -33.36
C PRO A 292 -2.33 -12.63 -33.02
N PHE A 293 -1.25 -11.96 -32.58
CA PHE A 293 -1.31 -10.53 -32.32
C PHE A 293 -1.58 -9.78 -33.62
N PRO A 294 -2.07 -8.54 -33.54
CA PRO A 294 -2.21 -7.71 -34.74
C PRO A 294 -0.92 -7.68 -35.55
N GLU A 295 -1.04 -7.58 -36.87
CA GLU A 295 0.15 -7.52 -37.70
C GLU A 295 1.02 -6.30 -37.37
N VAL A 296 0.40 -5.22 -36.91
CA VAL A 296 1.14 -3.98 -36.60
C VAL A 296 1.79 -3.99 -35.23
N TRP A 297 1.71 -5.11 -34.49
CA TRP A 297 2.18 -5.17 -33.10
C TRP A 297 3.60 -4.64 -32.95
N HIS A 298 3.74 -3.66 -32.04
CA HIS A 298 5.03 -3.05 -31.68
C HIS A 298 5.75 -2.47 -32.88
N THR A 299 4.99 -1.93 -33.83
CA THR A 299 5.55 -1.12 -34.89
C THR A 299 4.88 0.24 -34.87
N MET A 300 5.50 1.19 -35.59
CA MET A 300 4.93 2.54 -35.71
C MET A 300 3.59 2.52 -36.45
N ASP A 301 3.28 1.42 -37.16
CA ASP A 301 2.00 1.32 -37.84
C ASP A 301 0.86 0.91 -36.92
N ASP A 302 1.10 0.73 -35.62
CA ASP A 302 -0.01 0.50 -34.69
C ASP A 302 -0.62 1.85 -34.38
N ASN A 303 -1.44 2.32 -35.32
CA ASN A 303 -1.91 3.70 -35.33
C ASN A 303 -3.41 3.71 -35.63
N GLU A 304 -3.96 4.93 -35.66
CA GLU A 304 -5.39 5.10 -35.87
C GLU A 304 -5.83 4.58 -37.23
N GLU A 305 -5.01 4.80 -38.27
CA GLU A 305 -5.41 4.44 -39.63
C GLU A 305 -5.63 2.94 -39.78
N ASN A 306 -4.91 2.13 -39.00
CA ASN A 306 -5.02 0.68 -39.15
C ASN A 306 -6.04 0.06 -38.21
N LEU A 307 -6.78 0.86 -37.44
CA LEU A 307 -7.88 0.33 -36.63
C LEU A 307 -9.08 -0.04 -37.50
N ASP A 308 -9.81 -1.07 -37.06
CA ASP A 308 -11.01 -1.56 -37.73
C ASP A 308 -12.21 -1.09 -36.91
N GLU A 309 -12.89 -0.05 -37.39
CA GLU A 309 -13.92 0.62 -36.59
C GLU A 309 -15.09 -0.32 -36.25
N SER A 310 -15.61 -1.04 -37.25
N SER A 310 -15.61 -1.05 -37.24
CA SER A 310 -16.77 -1.89 -37.01
CA SER A 310 -16.77 -1.89 -37.01
C SER A 310 -16.45 -3.04 -36.06
C SER A 310 -16.46 -3.05 -36.07
N THR A 311 -15.23 -3.57 -36.12
CA THR A 311 -14.85 -4.64 -35.19
C THR A 311 -14.84 -4.14 -33.75
N ILE A 312 -14.31 -2.94 -33.53
CA ILE A 312 -14.33 -2.35 -32.20
C ILE A 312 -15.77 -2.10 -31.74
N ASP A 313 -16.61 -1.55 -32.62
CA ASP A 313 -18.03 -1.35 -32.34
C ASP A 313 -18.70 -2.66 -31.91
N ASN A 314 -18.48 -3.73 -32.69
CA ASN A 314 -19.03 -5.04 -32.34
C ASN A 314 -18.56 -5.50 -30.97
N LEU A 315 -17.26 -5.35 -30.68
CA LEU A 315 -16.74 -5.82 -29.40
C LEU A 315 -17.25 -4.97 -28.24
N ASN A 316 -17.47 -3.66 -28.47
CA ASN A 316 -18.12 -2.85 -27.44
C ASN A 316 -19.49 -3.43 -27.07
N LYS A 317 -20.28 -3.78 -28.08
CA LYS A 317 -21.61 -4.32 -27.79
C LYS A 317 -21.51 -5.63 -27.03
N ILE A 318 -20.61 -6.51 -27.45
CA ILE A 318 -20.46 -7.81 -26.79
C ILE A 318 -20.02 -7.62 -25.34
N LEU A 319 -19.04 -6.75 -25.11
CA LEU A 319 -18.51 -6.55 -23.77
C LEU A 319 -19.55 -5.90 -22.85
N GLN A 320 -20.30 -4.93 -23.37
CA GLN A 320 -21.30 -4.27 -22.54
C GLN A 320 -22.41 -5.24 -22.14
N VAL A 321 -22.89 -6.06 -23.09
CA VAL A 321 -23.86 -7.10 -22.73
C VAL A 321 -23.27 -8.04 -21.68
N PHE A 322 -22.01 -8.47 -21.87
CA PHE A 322 -21.39 -9.37 -20.90
C PHE A 322 -21.42 -8.77 -19.50
N VAL A 323 -21.06 -7.50 -19.38
CA VAL A 323 -20.98 -6.87 -18.06
C VAL A 323 -22.35 -6.72 -17.44
N LEU A 324 -23.35 -6.32 -18.23
CA LEU A 324 -24.70 -6.21 -17.67
C LEU A 324 -25.21 -7.56 -17.19
N GLU A 325 -25.00 -8.59 -18.00
CA GLU A 325 -25.47 -9.93 -17.62
C GLU A 325 -24.75 -10.41 -16.37
N TYR A 326 -23.45 -10.11 -16.25
CA TYR A 326 -22.72 -10.52 -15.06
C TYR A 326 -23.26 -9.81 -13.82
N LEU A 327 -23.55 -8.52 -13.93
CA LEU A 327 -23.97 -7.73 -12.78
C LEU A 327 -25.47 -7.81 -12.51
N HIS A 328 -26.22 -8.54 -13.34
CA HIS A 328 -27.68 -8.63 -13.25
C HIS A 328 -28.34 -7.26 -13.38
N LEU A 329 -27.86 -6.46 -14.34
CA LEU A 329 -28.42 -5.15 -14.65
C LEU A 329 -29.11 -5.09 -16.00
N GLY B 1 21.50 14.53 -8.84
CA GLY B 1 20.12 14.38 -8.42
C GLY B 1 19.82 15.08 -7.10
N PRO B 2 18.81 14.61 -6.39
CA PRO B 2 18.46 15.23 -5.10
C PRO B 2 19.57 15.05 -4.08
N ALA B 3 20.01 16.16 -3.48
CA ALA B 3 21.02 16.08 -2.45
C ALA B 3 20.45 15.77 -1.08
N TRP B 4 19.14 15.93 -0.89
CA TRP B 4 18.60 15.82 0.45
C TRP B 4 18.79 14.44 1.09
N PRO B 5 18.80 13.32 0.37
CA PRO B 5 19.04 12.03 1.07
C PRO B 5 20.42 11.95 1.70
N GLU B 6 21.36 12.82 1.34
CA GLU B 6 22.69 12.84 1.93
C GLU B 6 22.78 13.66 3.20
N GLU B 7 21.78 14.49 3.49
CA GLU B 7 21.94 15.46 4.59
C GLU B 7 22.10 14.76 5.93
N LYS B 8 21.54 13.55 6.08
CA LYS B 8 21.70 12.81 7.33
C LYS B 8 23.16 12.59 7.69
N ASN B 9 24.04 12.49 6.69
CA ASN B 9 25.46 12.24 6.98
C ASN B 9 26.12 13.44 7.65
N TYR B 10 25.64 14.65 7.39
CA TYR B 10 26.27 15.85 7.95
C TYR B 10 25.49 16.44 9.10
N HIS B 11 24.31 15.90 9.41
CA HIS B 11 23.46 16.51 10.42
C HIS B 11 24.13 16.49 11.79
N GLN B 12 24.10 17.62 12.47
CA GLN B 12 24.68 17.81 13.79
C GLN B 12 23.59 18.18 14.78
N PRO B 13 23.73 17.78 16.04
CA PRO B 13 22.76 18.21 17.05
C PRO B 13 22.99 19.66 17.45
N ALA B 14 21.96 20.25 18.03
CA ALA B 14 22.04 21.57 18.68
C ALA B 14 21.91 21.32 20.18
N ILE B 15 23.04 21.37 20.88
CA ILE B 15 23.12 20.83 22.24
C ILE B 15 22.48 21.78 23.24
N LEU B 16 21.69 21.22 24.15
CA LEU B 16 21.03 21.99 25.20
C LEU B 16 22.01 22.36 26.30
N ASN B 17 21.94 23.60 26.76
CA ASN B 17 22.80 24.01 27.86
C ASN B 17 22.19 23.57 29.19
N SER B 18 22.84 23.91 30.29
CA SER B 18 22.41 23.43 31.60
C SER B 18 20.98 23.85 31.91
N SER B 19 20.64 25.12 31.63
CA SER B 19 19.30 25.61 31.93
C SER B 19 18.24 24.86 31.15
N ALA B 20 18.51 24.58 29.87
CA ALA B 20 17.54 23.86 29.05
C ALA B 20 17.38 22.43 29.53
N LEU B 21 18.47 21.80 29.98
CA LEU B 21 18.38 20.43 30.47
C LEU B 21 17.51 20.36 31.73
N ARG B 22 17.66 21.33 32.65
CA ARG B 22 16.80 21.36 33.83
C ARG B 22 15.34 21.52 33.42
N GLN B 23 15.08 22.32 32.37
CA GLN B 23 13.72 22.47 31.88
C GLN B 23 13.15 21.15 31.38
N ILE B 24 13.96 20.36 30.67
CA ILE B 24 13.46 19.09 30.16
C ILE B 24 13.23 18.11 31.30
N ALA B 25 14.17 18.05 32.24
CA ALA B 25 14.03 17.13 33.38
C ALA B 25 12.74 17.41 34.16
N GLU B 26 12.41 18.69 34.33
CA GLU B 26 11.21 19.06 35.08
C GLU B 26 9.93 18.99 34.25
N GLY B 27 10.03 18.91 32.93
CA GLY B 27 8.86 18.89 32.09
C GLY B 27 8.23 17.55 31.79
N THR B 28 8.85 16.45 32.21
CA THR B 28 8.29 15.12 32.01
C THR B 28 7.84 14.57 33.36
N SER B 29 6.72 13.86 33.36
CA SER B 29 6.13 13.34 34.59
C SER B 29 6.00 11.83 34.48
N ILE B 30 6.80 11.10 35.25
CA ILE B 30 6.72 9.63 35.19
C ILE B 30 5.39 9.15 35.76
N SER B 31 4.84 9.83 36.76
CA SER B 31 3.56 9.39 37.31
C SER B 31 2.43 9.63 36.33
N GLU B 32 2.46 10.74 35.60
N GLU B 32 2.44 10.77 35.62
CA GLU B 32 1.42 10.99 34.60
CA GLU B 32 1.45 11.02 34.59
C GLU B 32 1.52 10.01 33.43
C GLU B 32 1.53 9.96 33.49
N MET B 33 2.75 9.67 33.02
CA MET B 33 2.92 8.62 32.02
C MET B 33 2.37 7.29 32.53
N TRP B 34 2.68 6.95 33.78
CA TRP B 34 2.26 5.67 34.33
C TRP B 34 0.75 5.53 34.29
N GLN B 35 0.03 6.54 34.79
CA GLN B 35 -1.42 6.45 34.89
C GLN B 35 -2.09 6.60 33.53
N ASN B 36 -1.63 7.56 32.72
CA ASN B 36 -2.37 7.98 31.54
C ASN B 36 -1.93 7.31 30.24
N ASP B 37 -0.67 6.88 30.14
CA ASP B 37 -0.16 6.25 28.92
C ASP B 37 0.19 4.78 29.06
N LEU B 38 0.71 4.37 30.23
CA LEU B 38 1.21 3.01 30.41
C LEU B 38 0.12 2.03 30.85
N GLN B 39 -0.59 2.35 31.93
CA GLN B 39 -1.56 1.37 32.45
C GLN B 39 -2.60 0.92 31.42
N PRO B 40 -3.16 1.77 30.54
CA PRO B 40 -4.12 1.25 29.56
C PRO B 40 -3.53 0.25 28.59
N LEU B 41 -2.21 0.23 28.42
CA LEU B 41 -1.58 -0.72 27.51
C LEU B 41 -1.21 -2.04 28.18
N LEU B 42 -1.27 -2.11 29.51
CA LEU B 42 -0.87 -3.33 30.23
C LEU B 42 -1.99 -4.37 30.18
N ILE B 43 -2.28 -4.80 28.94
CA ILE B 43 -3.38 -5.70 28.64
C ILE B 43 -2.94 -6.69 27.57
N GLU B 44 -3.65 -7.82 27.49
CA GLU B 44 -3.39 -8.79 26.43
C GLU B 44 -3.73 -8.15 25.07
N ARG B 45 -2.74 -8.03 24.18
CA ARG B 45 -2.96 -7.27 22.94
C ARG B 45 -2.22 -7.89 21.76
N TYR B 46 -2.32 -9.20 21.59
CA TYR B 46 -1.73 -9.83 20.42
C TYR B 46 -2.55 -9.49 19.16
N PRO B 47 -1.98 -9.65 17.97
CA PRO B 47 -2.63 -9.13 16.75
C PRO B 47 -4.01 -9.74 16.53
N GLY B 48 -4.98 -8.88 16.23
CA GLY B 48 -6.35 -9.29 16.02
C GLY B 48 -7.20 -9.39 17.26
N SER B 49 -6.61 -9.27 18.46
CA SER B 49 -7.38 -9.40 19.70
C SER B 49 -8.11 -8.10 19.99
N PRO B 50 -9.12 -8.13 20.86
CA PRO B 50 -9.72 -6.86 21.27
C PRO B 50 -8.72 -5.92 21.91
N GLY B 51 -7.73 -6.45 22.64
CA GLY B 51 -6.75 -5.59 23.27
C GLY B 51 -5.87 -4.88 22.27
N SER B 52 -5.64 -5.50 21.10
CA SER B 52 -4.89 -4.83 20.04
C SER B 52 -5.64 -3.59 19.57
N TYR B 53 -6.94 -3.73 19.32
CA TYR B 53 -7.74 -2.58 18.90
C TYR B 53 -7.81 -1.53 20.00
N ALA B 54 -7.99 -1.97 21.25
CA ALA B 54 -8.02 -1.03 22.37
C ALA B 54 -6.72 -0.26 22.48
N ALA B 55 -5.59 -0.95 22.31
CA ALA B 55 -4.29 -0.30 22.40
C ALA B 55 -4.12 0.71 21.28
N ARG B 56 -4.53 0.32 20.07
N ARG B 56 -4.53 0.34 20.07
CA ARG B 56 -4.47 1.23 18.92
CA ARG B 56 -4.44 1.26 18.94
C ARG B 56 -5.31 2.48 19.18
C ARG B 56 -5.31 2.49 19.17
N GLN B 57 -6.54 2.30 19.65
CA GLN B 57 -7.39 3.46 19.98
C GLN B 57 -6.75 4.35 21.03
N HIS B 58 -6.19 3.74 22.08
CA HIS B 58 -5.52 4.49 23.15
C HIS B 58 -4.37 5.32 22.60
N ILE B 59 -3.50 4.70 21.80
CA ILE B 59 -2.36 5.42 21.23
C ILE B 59 -2.84 6.57 20.36
N MET B 60 -3.84 6.32 19.51
CA MET B 60 -4.36 7.38 18.65
C MET B 60 -4.98 8.51 19.45
N GLN B 61 -5.76 8.19 20.48
N GLN B 61 -5.77 8.18 20.48
CA GLN B 61 -6.43 9.24 21.24
CA GLN B 61 -6.43 9.22 21.27
C GLN B 61 -5.43 10.09 22.03
C GLN B 61 -5.41 10.08 22.01
N ARG B 62 -4.37 9.46 22.57
CA ARG B 62 -3.38 10.23 23.32
C ARG B 62 -2.56 11.15 22.42
N ILE B 63 -2.37 10.77 21.17
N ILE B 63 -2.37 10.76 21.16
CA ILE B 63 -1.70 11.65 20.21
CA ILE B 63 -1.71 11.63 20.20
C ILE B 63 -2.65 12.75 19.74
C ILE B 63 -2.64 12.73 19.71
N GLN B 64 -3.89 12.38 19.42
CA GLN B 64 -4.85 13.35 18.86
C GLN B 64 -5.16 14.50 19.81
N ARG B 65 -4.99 14.31 21.12
CA ARG B 65 -5.29 15.38 22.06
C ARG B 65 -4.19 16.42 22.17
N LEU B 66 -3.02 16.18 21.57
CA LEU B 66 -1.92 17.12 21.68
C LEU B 66 -2.10 18.28 20.70
N GLN B 67 -1.40 19.37 20.99
N GLN B 67 -1.39 19.37 20.97
CA GLN B 67 -1.51 20.57 20.16
CA GLN B 67 -1.52 20.57 20.16
C GLN B 67 -0.74 20.46 18.85
C GLN B 67 -0.72 20.49 18.86
N ALA B 68 0.39 19.77 18.85
CA ALA B 68 1.20 19.66 17.64
C ALA B 68 0.42 18.95 16.53
N ASP B 69 0.83 19.21 15.29
CA ASP B 69 0.05 18.85 14.11
C ASP B 69 0.34 17.41 13.65
N TRP B 70 0.11 16.46 14.55
CA TRP B 70 0.37 15.06 14.23
C TRP B 70 -0.62 14.54 13.20
N VAL B 71 -0.13 13.82 12.20
CA VAL B 71 -0.95 13.17 11.19
C VAL B 71 -0.85 11.67 11.41
N LEU B 72 -1.98 11.04 11.67
CA LEU B 72 -2.03 9.61 11.99
C LEU B 72 -2.43 8.83 10.75
N GLU B 73 -1.66 7.78 10.46
CA GLU B 73 -1.98 6.82 9.41
C GLU B 73 -2.03 5.43 10.05
N ILE B 74 -3.11 4.70 9.81
CA ILE B 74 -3.21 3.30 10.20
C ILE B 74 -2.90 2.46 8.97
N ASP B 75 -1.82 1.69 9.07
CA ASP B 75 -1.29 0.89 7.96
C ASP B 75 -1.74 -0.54 8.20
N THR B 76 -2.87 -0.90 7.60
CA THR B 76 -3.54 -2.17 7.87
C THR B 76 -3.33 -3.12 6.69
N PHE B 77 -2.85 -4.32 6.98
CA PHE B 77 -2.46 -5.23 5.93
C PHE B 77 -2.76 -6.66 6.37
N LEU B 78 -2.77 -7.55 5.39
CA LEU B 78 -3.03 -8.96 5.60
C LEU B 78 -1.72 -9.71 5.37
N SER B 79 -1.43 -10.68 6.22
N SER B 79 -1.43 -10.68 6.22
CA SER B 79 -0.25 -11.52 6.04
CA SER B 79 -0.22 -11.49 6.09
C SER B 79 -0.60 -12.97 6.35
C SER B 79 -0.54 -12.92 6.48
N GLN B 80 0.12 -13.90 5.73
N GLN B 80 0.14 -13.87 5.81
CA GLN B 80 0.01 -15.29 6.13
CA GLN B 80 -0.01 -15.28 6.14
C GLN B 80 0.70 -15.48 7.48
C GLN B 80 0.78 -15.62 7.39
N THR B 81 0.15 -16.34 8.31
CA THR B 81 0.73 -16.71 9.60
C THR B 81 0.66 -18.22 9.70
N PRO B 82 1.25 -18.83 10.73
CA PRO B 82 1.06 -20.28 10.92
C PRO B 82 -0.37 -20.66 11.20
N TYR B 83 -1.26 -19.70 11.46
CA TYR B 83 -2.67 -19.98 11.67
C TYR B 83 -3.54 -19.58 10.50
N GLY B 84 -2.95 -19.14 9.39
CA GLY B 84 -3.70 -18.63 8.25
C GLY B 84 -3.54 -17.13 8.12
N TYR B 85 -4.29 -16.55 7.19
CA TYR B 85 -4.22 -15.10 6.99
C TYR B 85 -4.75 -14.37 8.21
N ARG B 86 -4.05 -13.30 8.59
CA ARG B 86 -4.47 -12.44 9.68
C ARG B 86 -4.24 -10.99 9.29
N SER B 87 -5.02 -10.11 9.91
CA SER B 87 -4.89 -8.67 9.73
C SER B 87 -4.05 -8.04 10.83
N PHE B 88 -3.21 -7.08 10.45
CA PHE B 88 -2.27 -6.34 11.30
C PHE B 88 -2.42 -4.86 11.02
N SER B 89 -2.17 -4.01 12.02
CA SER B 89 -2.27 -2.56 11.81
C SER B 89 -1.10 -1.85 12.45
N ASN B 90 -0.17 -1.35 11.64
CA ASN B 90 0.83 -0.43 12.17
C ASN B 90 0.21 0.93 12.39
N ILE B 91 0.71 1.66 13.40
CA ILE B 91 0.28 3.02 13.69
C ILE B 91 1.44 3.94 13.35
N ILE B 92 1.21 4.91 12.49
CA ILE B 92 2.25 5.87 12.11
C ILE B 92 1.75 7.27 12.42
N SER B 93 2.52 8.01 13.20
N SER B 93 2.49 7.99 13.24
CA SER B 93 2.18 9.35 13.64
CA SER B 93 2.13 9.37 13.60
C SER B 93 3.28 10.29 13.16
C SER B 93 3.26 10.28 13.15
N THR B 94 2.94 11.22 12.27
CA THR B 94 3.95 12.02 11.58
C THR B 94 3.67 13.51 11.73
N LEU B 95 4.71 14.26 12.12
CA LEU B 95 4.72 15.70 11.97
C LEU B 95 5.32 16.05 10.62
N ASN B 96 4.65 16.95 9.89
CA ASN B 96 5.07 17.40 8.57
C ASN B 96 5.25 16.21 7.62
N PRO B 97 4.17 15.56 7.20
CA PRO B 97 4.31 14.35 6.36
C PRO B 97 5.07 14.58 5.06
N THR B 98 5.04 15.78 4.50
CA THR B 98 5.75 16.00 3.24
C THR B 98 7.16 16.53 3.44
N ALA B 99 7.59 16.79 4.68
CA ALA B 99 8.99 17.13 4.92
C ALA B 99 9.87 15.99 4.41
N LYS B 100 10.99 16.35 3.78
CA LYS B 100 11.81 15.34 3.12
C LYS B 100 12.37 14.33 4.12
N ARG B 101 12.82 14.80 5.28
CA ARG B 101 13.52 13.96 6.26
C ARG B 101 12.76 13.89 7.57
N HIS B 102 12.78 12.72 8.21
CA HIS B 102 12.25 12.56 9.55
C HIS B 102 13.20 11.77 10.41
N LEU B 103 13.34 12.20 11.66
CA LEU B 103 13.82 11.33 12.72
C LEU B 103 12.68 10.41 13.13
N VAL B 104 12.96 9.11 13.26
CA VAL B 104 11.91 8.11 13.51
C VAL B 104 12.18 7.42 14.84
N LEU B 105 11.20 7.49 15.74
CA LEU B 105 11.17 6.73 16.97
C LEU B 105 10.15 5.62 16.82
N ALA B 106 10.50 4.41 17.28
CA ALA B 106 9.60 3.29 17.05
C ALA B 106 9.66 2.28 18.19
N CYS B 107 8.61 1.47 18.27
CA CYS B 107 8.55 0.28 19.12
C CYS B 107 7.44 -0.61 18.55
N HIS B 108 7.19 -1.74 19.21
CA HIS B 108 6.06 -2.58 18.81
C HIS B 108 4.98 -2.51 19.89
N TYR B 109 3.73 -2.45 19.45
CA TYR B 109 2.65 -2.38 20.43
C TYR B 109 1.87 -3.68 20.62
N ASP B 110 2.14 -4.71 19.80
CA ASP B 110 1.54 -6.01 20.07
C ASP B 110 2.21 -6.65 21.29
N SER B 111 1.47 -7.55 21.95
CA SER B 111 2.06 -8.42 22.94
C SER B 111 2.10 -9.85 22.38
N LYS B 112 3.11 -10.60 22.80
CA LYS B 112 3.26 -11.96 22.30
C LYS B 112 2.07 -12.82 22.69
N TYR B 113 1.56 -13.58 21.73
CA TYR B 113 0.46 -14.51 21.98
C TYR B 113 0.94 -15.70 22.80
N PHE B 114 0.37 -15.86 24.00
CA PHE B 114 0.64 -16.99 24.89
C PHE B 114 -0.69 -17.55 25.39
N SER B 115 -0.70 -18.85 25.69
CA SER B 115 -1.78 -19.38 26.50
C SER B 115 -1.72 -18.78 27.91
N HIS B 116 -2.79 -18.96 28.68
CA HIS B 116 -2.86 -18.36 30.02
C HIS B 116 -2.22 -19.31 31.04
N TRP B 117 -0.90 -19.41 30.95
CA TRP B 117 -0.12 -20.29 31.81
C TRP B 117 -0.34 -19.95 33.28
N ASN B 118 -0.69 -20.96 34.09
CA ASN B 118 -1.00 -20.77 35.51
C ASN B 118 -2.10 -19.73 35.72
N ASN B 119 -3.00 -19.61 34.73
CA ASN B 119 -4.12 -18.67 34.75
C ASN B 119 -3.66 -17.21 34.80
N ARG B 120 -2.44 -16.95 34.36
CA ARG B 120 -1.92 -15.59 34.21
C ARG B 120 -1.94 -15.20 32.75
N VAL B 121 -1.83 -13.91 32.49
CA VAL B 121 -1.94 -13.37 31.13
C VAL B 121 -0.69 -12.55 30.84
N PHE B 122 -0.06 -12.82 29.70
CA PHE B 122 1.16 -12.09 29.32
C PHE B 122 0.80 -10.70 28.80
N VAL B 123 1.37 -9.67 29.42
CA VAL B 123 1.11 -8.30 28.98
C VAL B 123 2.36 -7.58 28.50
N GLY B 124 3.52 -8.22 28.52
CA GLY B 124 4.71 -7.61 27.94
C GLY B 124 4.98 -6.19 28.43
N ALA B 125 5.16 -6.02 29.73
CA ALA B 125 5.31 -4.66 30.27
C ALA B 125 6.56 -3.97 29.71
N THR B 126 7.72 -4.63 29.77
CA THR B 126 8.90 -4.10 29.09
C THR B 126 8.83 -4.29 27.58
N ASP B 127 7.93 -5.17 27.12
CA ASP B 127 8.03 -5.80 25.78
C ASP B 127 6.66 -5.69 25.07
N SER B 128 6.24 -4.49 24.66
CA SER B 128 6.96 -3.23 24.81
C SER B 128 6.00 -2.13 25.26
N ALA B 129 5.19 -2.42 26.28
CA ALA B 129 4.24 -1.40 26.75
C ALA B 129 4.96 -0.15 27.22
N VAL B 130 6.10 -0.31 27.90
CA VAL B 130 6.83 0.84 28.41
C VAL B 130 7.41 1.67 27.26
N PRO B 131 8.11 1.07 26.28
CA PRO B 131 8.47 1.86 25.08
C PRO B 131 7.31 2.63 24.46
N CYS B 132 6.15 1.99 24.26
CA CYS B 132 4.98 2.71 23.76
C CYS B 132 4.69 3.94 24.62
N ALA B 133 4.64 3.75 25.93
CA ALA B 133 4.28 4.86 26.82
C ALA B 133 5.36 5.92 26.86
N MET B 134 6.63 5.53 26.68
CA MET B 134 7.70 6.53 26.60
C MET B 134 7.54 7.40 25.36
N MET B 135 7.14 6.80 24.24
CA MET B 135 6.93 7.59 23.03
C MET B 135 5.76 8.55 23.20
N LEU B 136 4.67 8.08 23.81
CA LEU B 136 3.53 8.94 24.09
C LEU B 136 3.89 10.07 25.05
N GLU B 137 4.67 9.76 26.10
CA GLU B 137 5.07 10.80 27.04
C GLU B 137 6.02 11.80 26.39
N LEU B 138 6.85 11.34 25.45
CA LEU B 138 7.72 12.28 24.76
C LEU B 138 6.89 13.26 23.94
N ALA B 139 5.91 12.75 23.21
CA ALA B 139 5.03 13.63 22.43
C ALA B 139 4.32 14.63 23.34
N ARG B 140 3.82 14.17 24.48
CA ARG B 140 3.15 15.09 25.40
C ARG B 140 4.12 16.09 25.99
N ALA B 141 5.29 15.63 26.44
CA ALA B 141 6.18 16.52 27.21
C ALA B 141 6.80 17.58 26.31
N LEU B 142 7.05 17.26 25.05
CA LEU B 142 7.65 18.19 24.09
C LEU B 142 6.61 18.85 23.20
N ASP B 143 5.32 18.76 23.56
CA ASP B 143 4.25 19.21 22.68
C ASP B 143 4.42 20.65 22.22
N LYS B 144 4.74 21.56 23.14
CA LYS B 144 4.81 22.97 22.79
C LYS B 144 5.98 23.25 21.86
N LYS B 145 7.11 22.54 22.04
CA LYS B 145 8.23 22.70 21.13
C LYS B 145 7.94 22.04 19.78
N LEU B 146 7.29 20.87 19.80
CA LEU B 146 6.95 20.20 18.55
C LEU B 146 5.93 21.01 17.75
N LEU B 147 5.02 21.71 18.44
CA LEU B 147 4.07 22.58 17.77
C LEU B 147 4.75 23.62 16.89
N SER B 148 5.97 24.05 17.25
CA SER B 148 6.69 25.03 16.44
C SER B 148 7.08 24.49 15.07
N LEU B 149 7.08 23.16 14.90
CA LEU B 149 7.39 22.58 13.60
C LEU B 149 6.26 22.75 12.60
N LYS B 150 5.07 23.17 13.05
CA LYS B 150 3.92 23.29 12.17
C LYS B 150 4.24 24.20 11.00
N THR B 151 4.30 23.62 9.81
CA THR B 151 4.75 24.35 8.63
C THR B 151 3.76 25.44 8.26
N VAL B 152 4.28 26.65 8.06
CA VAL B 152 3.47 27.79 7.64
C VAL B 152 4.03 28.31 6.32
N SER B 153 3.66 29.53 5.95
CA SER B 153 4.28 30.16 4.80
C SER B 153 5.77 30.42 5.04
N ASP B 154 6.09 31.04 6.17
CA ASP B 154 7.43 31.55 6.39
C ASP B 154 8.47 30.43 6.46
N SER B 155 8.12 29.30 7.07
CA SER B 155 9.08 28.22 7.28
C SER B 155 8.41 26.87 7.15
N LYS B 156 8.98 26.02 6.29
CA LYS B 156 8.60 24.62 6.18
C LYS B 156 9.81 23.78 6.57
N PRO B 157 9.71 22.89 7.55
CA PRO B 157 10.91 22.20 8.04
C PRO B 157 11.45 21.20 7.03
N ASP B 158 12.79 21.20 6.90
CA ASP B 158 13.49 20.16 6.16
C ASP B 158 13.39 18.80 6.86
N LEU B 159 13.25 18.82 8.19
CA LEU B 159 13.41 17.65 9.04
C LEU B 159 12.40 17.73 10.16
N SER B 160 11.63 16.67 10.36
CA SER B 160 10.63 16.65 11.42
C SER B 160 10.68 15.28 12.09
N LEU B 161 9.61 14.94 12.79
CA LEU B 161 9.56 13.78 13.68
C LEU B 161 8.45 12.83 13.27
N GLN B 162 8.73 11.53 13.39
CA GLN B 162 7.76 10.48 13.10
C GLN B 162 7.84 9.40 14.17
N LEU B 163 6.67 8.92 14.61
CA LEU B 163 6.56 7.80 15.54
C LEU B 163 5.92 6.62 14.82
N ILE B 164 6.50 5.43 14.98
CA ILE B 164 5.92 4.20 14.44
C ILE B 164 5.71 3.22 15.58
N PHE B 165 4.48 2.73 15.70
CA PHE B 165 4.16 1.63 16.61
C PHE B 165 3.86 0.42 15.73
N PHE B 166 4.79 -0.53 15.67
CA PHE B 166 4.63 -1.71 14.83
C PHE B 166 3.68 -2.72 15.47
N ASP B 167 2.84 -3.33 14.65
CA ASP B 167 2.04 -4.49 15.01
C ASP B 167 2.82 -5.76 14.65
N GLY B 168 2.50 -6.86 15.32
CA GLY B 168 3.02 -8.15 14.88
C GLY B 168 4.53 -8.32 14.92
N GLU B 169 5.23 -7.63 15.83
CA GLU B 169 6.66 -7.89 15.98
C GLU B 169 6.92 -9.33 16.41
N GLU B 170 6.11 -9.83 17.34
CA GLU B 170 6.35 -11.17 17.89
C GLU B 170 5.85 -12.26 16.95
N ALA B 171 6.53 -13.41 17.02
CA ALA B 171 6.04 -14.60 16.33
C ALA B 171 4.70 -15.06 16.92
N PHE B 172 3.85 -15.62 16.06
CA PHE B 172 2.60 -16.21 16.52
C PHE B 172 2.82 -17.60 17.10
N LEU B 173 3.75 -18.36 16.52
CA LEU B 173 3.98 -19.73 16.94
C LEU B 173 5.44 -20.02 17.24
N HIS B 174 6.35 -19.54 16.40
CA HIS B 174 7.77 -19.88 16.54
C HIS B 174 8.58 -18.91 15.70
N TRP B 175 9.54 -18.23 16.31
CA TRP B 175 10.29 -17.18 15.61
C TRP B 175 10.97 -17.74 14.37
N SER B 176 10.68 -17.13 13.23
CA SER B 176 11.25 -17.59 11.97
C SER B 176 11.04 -16.49 10.94
N PRO B 177 11.69 -16.58 9.77
CA PRO B 177 11.57 -15.50 8.79
C PRO B 177 10.14 -15.14 8.43
N GLN B 178 9.25 -16.11 8.33
CA GLN B 178 7.85 -15.83 7.97
C GLN B 178 6.91 -15.79 9.16
N ASP B 179 7.41 -15.95 10.40
CA ASP B 179 6.56 -15.81 11.59
C ASP B 179 7.32 -14.92 12.57
N SER B 180 7.29 -13.61 12.33
CA SER B 180 7.89 -12.57 13.16
C SER B 180 7.94 -11.31 12.31
N LEU B 181 8.05 -10.15 12.97
CA LEU B 181 8.30 -8.87 12.30
C LEU B 181 7.28 -8.59 11.21
N TYR B 182 6.02 -8.98 11.44
CA TYR B 182 5.01 -8.84 10.40
C TYR B 182 4.85 -7.37 10.00
N GLY B 183 4.70 -6.50 10.99
CA GLY B 183 4.45 -5.09 10.71
C GLY B 183 5.65 -4.38 10.11
N SER B 184 6.85 -4.65 10.62
CA SER B 184 8.03 -3.95 10.12
C SER B 184 8.46 -4.49 8.75
N ARG B 185 8.32 -5.79 8.50
CA ARG B 185 8.63 -6.28 7.16
C ARG B 185 7.70 -5.64 6.13
N HIS B 186 6.43 -5.51 6.48
CA HIS B 186 5.46 -4.90 5.58
C HIS B 186 5.76 -3.43 5.36
N LEU B 187 6.00 -2.69 6.46
CA LEU B 187 6.11 -1.24 6.35
C LEU B 187 7.43 -0.83 5.69
N ALA B 188 8.52 -1.53 5.97
CA ALA B 188 9.77 -1.23 5.28
C ALA B 188 9.61 -1.41 3.77
N ALA B 189 8.96 -2.50 3.34
CA ALA B 189 8.78 -2.71 1.91
C ALA B 189 7.87 -1.64 1.31
N LYS B 190 6.83 -1.26 2.05
CA LYS B 190 5.92 -0.20 1.61
C LYS B 190 6.63 1.15 1.52
N MET B 191 7.38 1.52 2.55
CA MET B 191 8.12 2.78 2.47
C MET B 191 9.19 2.74 1.39
N ALA B 192 9.81 1.58 1.16
CA ALA B 192 10.87 1.52 0.16
C ALA B 192 10.34 1.75 -1.24
N SER B 193 9.04 1.55 -1.48
CA SER B 193 8.47 1.65 -2.81
C SER B 193 7.48 2.80 -2.93
N THR B 194 7.46 3.71 -1.95
CA THR B 194 6.59 4.89 -1.99
C THR B 194 7.43 6.11 -2.31
N PRO B 195 7.17 6.80 -3.43
CA PRO B 195 7.93 8.02 -3.73
C PRO B 195 7.81 9.05 -2.62
N HIS B 196 8.93 9.73 -2.34
CA HIS B 196 8.97 10.75 -1.29
C HIS B 196 10.02 11.79 -1.68
N PRO B 197 9.69 13.09 -1.57
CA PRO B 197 8.37 13.62 -1.23
C PRO B 197 7.37 13.34 -2.35
N PRO B 198 6.07 13.59 -2.12
CA PRO B 198 5.08 13.34 -3.18
C PRO B 198 5.50 13.94 -4.51
N GLY B 199 5.39 13.14 -5.58
CA GLY B 199 5.80 13.55 -6.91
C GLY B 199 7.22 13.18 -7.29
N ALA B 200 8.02 12.70 -6.34
CA ALA B 200 9.42 12.40 -6.64
C ALA B 200 9.53 11.22 -7.60
N ARG B 201 10.57 11.25 -8.42
CA ARG B 201 10.73 10.20 -9.44
C ARG B 201 11.67 9.08 -9.01
N GLY B 202 12.59 9.34 -8.07
CA GLY B 202 13.63 8.35 -7.83
C GLY B 202 14.02 8.15 -6.38
N THR B 203 13.27 8.75 -5.44
CA THR B 203 13.57 8.67 -4.03
C THR B 203 12.32 8.25 -3.27
N SER B 204 12.52 7.56 -2.16
CA SER B 204 11.43 6.90 -1.44
C SER B 204 11.30 7.43 -0.02
N GLN B 205 10.18 7.06 0.62
CA GLN B 205 10.01 7.38 2.03
C GLN B 205 11.14 6.79 2.87
N LEU B 206 11.67 5.64 2.48
CA LEU B 206 12.75 5.05 3.25
C LEU B 206 14.01 5.91 3.21
N HIS B 207 14.28 6.55 2.06
CA HIS B 207 15.41 7.48 2.00
C HIS B 207 15.22 8.68 2.95
N GLY B 208 13.98 9.00 3.28
CA GLY B 208 13.73 10.10 4.20
C GLY B 208 13.99 9.78 5.66
N MET B 209 14.21 8.52 6.01
CA MET B 209 14.44 8.13 7.41
C MET B 209 15.87 8.47 7.78
N ASP B 210 16.05 9.60 8.47
CA ASP B 210 17.37 10.01 8.94
C ASP B 210 18.01 8.96 9.82
N LEU B 211 17.22 8.41 10.74
CA LEU B 211 17.72 7.55 11.79
C LEU B 211 16.51 6.87 12.41
N LEU B 212 16.58 5.56 12.60
CA LEU B 212 15.49 4.82 13.22
C LEU B 212 15.94 4.48 14.65
N VAL B 213 15.26 5.06 15.62
CA VAL B 213 15.56 4.87 17.03
C VAL B 213 14.51 3.90 17.54
N LEU B 214 14.90 2.63 17.72
CA LEU B 214 13.97 1.56 18.04
C LEU B 214 14.11 1.20 19.51
N LEU B 215 13.05 1.43 20.29
N LEU B 215 13.03 1.43 20.27
CA LEU B 215 13.00 1.11 21.71
CA LEU B 215 12.97 1.11 21.69
C LEU B 215 12.37 -0.25 21.91
C LEU B 215 12.37 -0.28 21.88
N ASP B 216 13.00 -1.10 22.72
CA ASP B 216 12.50 -2.45 22.95
C ASP B 216 13.04 -2.97 24.27
N LEU B 217 12.17 -3.67 25.02
CA LEU B 217 12.56 -4.34 26.27
C LEU B 217 13.09 -3.35 27.30
N ILE B 218 12.41 -2.23 27.44
CA ILE B 218 12.82 -1.17 28.37
C ILE B 218 11.89 -1.16 29.56
N GLY B 219 12.45 -0.98 30.74
CA GLY B 219 11.64 -0.86 31.94
C GLY B 219 12.18 -1.61 33.15
N ALA B 220 13.11 -2.53 32.92
CA ALA B 220 13.76 -3.25 34.01
C ALA B 220 14.89 -2.42 34.62
N PRO B 221 15.28 -2.72 35.86
CA PRO B 221 16.39 -1.98 36.47
C PRO B 221 17.72 -2.30 35.81
N ASN B 222 18.63 -1.33 35.89
CA ASN B 222 20.01 -1.48 35.46
C ASN B 222 20.19 -2.03 34.03
N PRO B 223 19.55 -1.43 33.04
CA PRO B 223 19.80 -1.87 31.66
C PRO B 223 21.15 -1.39 31.19
N THR B 224 21.73 -2.14 30.26
CA THR B 224 22.96 -1.76 29.58
C THR B 224 22.73 -1.88 28.07
N PHE B 225 22.71 -0.73 27.37
CA PHE B 225 22.48 -0.71 25.94
C PHE B 225 23.82 -0.71 25.22
N PRO B 226 24.13 -1.71 24.40
CA PRO B 226 25.38 -1.67 23.63
C PRO B 226 25.26 -0.83 22.37
N ASN B 227 26.41 -0.53 21.80
N ASN B 227 26.41 -0.35 21.90
CA ASN B 227 26.54 0.29 20.59
CA ASN B 227 26.47 0.28 20.60
C ASN B 227 26.64 -0.64 19.38
C ASN B 227 26.52 -0.82 19.55
N PHE B 228 25.48 -0.90 18.74
CA PHE B 228 25.42 -1.97 17.75
C PHE B 228 26.10 -1.64 16.43
N PHE B 229 25.96 -0.41 15.93
CA PHE B 229 26.29 -0.16 14.53
C PHE B 229 27.29 0.98 14.39
N PRO B 230 28.37 0.78 13.63
CA PRO B 230 29.36 1.86 13.47
C PRO B 230 28.80 3.11 12.83
N ASN B 231 27.78 2.97 11.97
CA ASN B 231 27.26 4.13 11.24
C ASN B 231 26.26 4.96 12.03
N SER B 232 25.91 4.54 13.25
CA SER B 232 25.12 5.38 14.15
C SER B 232 25.86 5.63 15.46
N ALA B 233 27.14 5.25 15.54
CA ALA B 233 27.88 5.32 16.80
C ALA B 233 27.97 6.74 17.33
N ARG B 234 28.06 7.75 16.44
CA ARG B 234 28.15 9.11 16.95
C ARG B 234 26.86 9.53 17.64
N TRP B 235 25.73 8.96 17.23
CA TRP B 235 24.48 9.25 17.93
C TRP B 235 24.38 8.46 19.24
N PHE B 236 24.90 7.24 19.28
CA PHE B 236 25.04 6.54 20.55
C PHE B 236 25.88 7.38 21.52
N GLU B 237 26.97 7.96 21.02
CA GLU B 237 27.84 8.76 21.87
C GLU B 237 27.11 9.99 22.42
N ARG B 238 26.15 10.52 21.66
CA ARG B 238 25.33 11.62 22.17
C ARG B 238 24.47 11.17 23.34
N LEU B 239 23.82 10.00 23.22
CA LEU B 239 23.11 9.44 24.39
C LEU B 239 24.03 9.33 25.59
N GLN B 240 25.26 8.85 25.39
CA GLN B 240 26.22 8.76 26.49
C GLN B 240 26.47 10.13 27.11
N ALA B 241 26.76 11.12 26.26
CA ALA B 241 27.04 12.47 26.73
C ALA B 241 25.85 13.06 27.45
N ILE B 242 24.63 12.81 26.95
CA ILE B 242 23.43 13.32 27.60
C ILE B 242 23.24 12.64 28.95
N GLU B 243 23.41 11.32 29.01
CA GLU B 243 23.30 10.63 30.29
C GLU B 243 24.30 11.19 31.29
N HIS B 244 25.54 11.40 30.86
CA HIS B 244 26.57 11.88 31.78
C HIS B 244 26.24 13.27 32.31
N GLU B 245 25.79 14.17 31.42
CA GLU B 245 25.54 15.55 31.83
C GLU B 245 24.32 15.66 32.73
N LEU B 246 23.27 14.89 32.42
CA LEU B 246 22.09 14.86 33.29
C LEU B 246 22.45 14.32 34.67
N HIS B 247 23.34 13.31 34.72
CA HIS B 247 23.80 12.81 36.02
C HIS B 247 24.56 13.89 36.78
N GLU B 248 25.45 14.61 36.09
CA GLU B 248 26.29 15.61 36.75
C GLU B 248 25.48 16.79 37.25
N LEU B 249 24.39 17.13 36.57
CA LEU B 249 23.51 18.20 36.99
C LEU B 249 22.57 17.76 38.11
N GLY B 250 22.64 16.51 38.53
CA GLY B 250 21.73 16.00 39.54
C GLY B 250 20.31 15.81 39.06
N LEU B 251 20.12 15.57 37.77
CA LEU B 251 18.79 15.51 37.17
C LEU B 251 18.31 14.09 36.94
N LEU B 252 19.06 13.08 37.40
CA LEU B 252 18.65 11.69 37.34
C LEU B 252 18.48 11.16 38.77
N LYS B 253 17.76 10.05 38.87
CA LYS B 253 17.39 9.48 40.16
C LYS B 253 17.90 8.05 40.27
N ASP B 254 18.44 7.71 41.45
CA ASP B 254 18.97 6.35 41.69
C ASP B 254 19.96 5.94 40.61
N HIS B 255 20.82 6.88 40.21
CA HIS B 255 21.64 6.70 39.02
C HIS B 255 23.12 6.80 39.37
N SER B 256 23.90 5.81 38.94
CA SER B 256 25.32 5.71 39.22
C SER B 256 26.11 5.73 37.91
N LEU B 257 27.23 6.46 37.91
CA LEU B 257 28.08 6.45 36.72
C LEU B 257 28.70 5.08 36.50
N GLU B 258 28.93 4.32 37.56
CA GLU B 258 29.37 2.93 37.38
C GLU B 258 28.28 2.08 36.73
N GLY B 259 27.02 2.39 37.01
CA GLY B 259 25.92 1.62 36.47
C GLY B 259 25.21 2.33 35.33
N ARG B 260 25.95 3.12 34.55
CA ARG B 260 25.35 3.89 33.47
C ARG B 260 24.71 2.97 32.44
N TYR B 261 23.71 3.49 31.74
CA TYR B 261 22.98 2.68 30.76
C TYR B 261 23.70 2.56 29.43
N PHE B 262 24.42 3.60 29.02
CA PHE B 262 25.03 3.64 27.69
C PHE B 262 26.53 3.52 27.88
N GLN B 263 27.05 2.31 27.74
CA GLN B 263 28.44 2.02 28.04
C GLN B 263 29.22 1.78 26.74
N ASN B 264 30.54 1.89 26.86
CA ASN B 264 31.43 1.56 25.76
C ASN B 264 31.38 0.04 25.57
N TYR B 265 30.65 -0.40 24.57
CA TYR B 265 30.22 -1.80 24.49
C TYR B 265 29.92 -2.08 23.03
N SER B 266 30.76 -2.89 22.38
CA SER B 266 30.56 -3.25 20.99
C SER B 266 29.84 -4.58 20.90
N TYR B 267 28.86 -4.63 20.00
CA TYR B 267 28.09 -5.84 19.73
C TYR B 267 28.31 -6.17 18.25
N GLY B 268 29.10 -7.22 17.99
CA GLY B 268 29.54 -7.48 16.64
C GLY B 268 28.39 -7.75 15.68
N GLY B 269 27.38 -8.46 16.13
CA GLY B 269 26.24 -8.77 15.29
C GLY B 269 25.00 -7.99 15.65
N VAL B 270 23.85 -8.63 15.49
CA VAL B 270 22.57 -7.95 15.64
C VAL B 270 21.66 -8.84 16.47
N ILE B 271 20.69 -8.20 17.11
CA ILE B 271 19.58 -8.87 17.74
C ILE B 271 18.38 -8.64 16.84
N GLN B 272 17.77 -9.72 16.34
CA GLN B 272 16.63 -9.59 15.43
C GLN B 272 15.50 -8.81 16.09
N ASP B 273 14.96 -7.84 15.36
CA ASP B 273 13.94 -6.94 15.88
C ASP B 273 13.37 -6.16 14.68
N ASP B 274 12.43 -5.26 14.98
CA ASP B 274 11.72 -4.52 13.93
C ASP B 274 12.66 -3.66 13.07
N HIS B 275 13.89 -3.41 13.53
CA HIS B 275 14.79 -2.60 12.71
C HIS B 275 15.35 -3.38 11.52
N ILE B 276 15.33 -4.71 11.56
CA ILE B 276 16.02 -5.51 10.54
C ILE B 276 15.57 -5.19 9.12
N PRO B 277 14.27 -5.14 8.80
CA PRO B 277 13.88 -4.84 7.40
C PRO B 277 14.27 -3.45 6.94
N PHE B 278 14.54 -2.53 7.87
CA PHE B 278 15.04 -1.20 7.52
C PHE B 278 16.56 -1.20 7.41
N LEU B 279 17.22 -1.84 8.39
CA LEU B 279 18.68 -1.95 8.39
C LEU B 279 19.19 -2.55 7.09
N ARG B 280 18.57 -3.65 6.63
CA ARG B 280 19.06 -4.32 5.45
C ARG B 280 18.81 -3.52 4.17
N ARG B 281 18.03 -2.44 4.27
CA ARG B 281 17.82 -1.50 3.18
C ARG B 281 18.60 -0.20 3.38
N GLY B 282 19.49 -0.15 4.35
CA GLY B 282 20.40 0.97 4.52
C GLY B 282 19.93 2.10 5.42
N VAL B 283 18.83 1.93 6.15
CA VAL B 283 18.43 2.96 7.12
C VAL B 283 19.38 2.91 8.32
N PRO B 284 19.94 4.04 8.77
CA PRO B 284 20.72 4.03 10.01
C PRO B 284 19.84 3.75 11.22
N VAL B 285 20.34 2.92 12.13
CA VAL B 285 19.55 2.45 13.26
C VAL B 285 20.28 2.73 14.56
N LEU B 286 19.55 3.25 15.54
CA LEU B 286 19.97 3.26 16.94
C LEU B 286 19.06 2.28 17.66
N HIS B 287 19.58 1.10 18.00
CA HIS B 287 18.75 0.03 18.55
C HIS B 287 18.83 0.09 20.08
N LEU B 288 17.81 0.68 20.68
CA LEU B 288 17.79 0.86 22.15
C LEU B 288 17.10 -0.36 22.77
N ILE B 289 17.83 -1.47 22.75
CA ILE B 289 17.43 -2.72 23.39
C ILE B 289 18.54 -3.14 24.33
N PRO B 290 18.26 -3.58 25.55
CA PRO B 290 19.36 -3.93 26.46
C PRO B 290 19.94 -5.30 26.15
N SER B 291 21.20 -5.48 26.51
CA SER B 291 21.81 -6.79 26.53
C SER B 291 22.61 -6.87 27.81
N PRO B 292 22.28 -7.78 28.74
CA PRO B 292 21.24 -8.81 28.61
C PRO B 292 19.81 -8.31 28.55
N PHE B 293 18.92 -9.16 28.05
CA PHE B 293 17.50 -8.89 28.13
C PHE B 293 17.08 -8.84 29.59
N PRO B 294 15.95 -8.21 29.89
CA PRO B 294 15.43 -8.25 31.26
C PRO B 294 15.25 -9.68 31.72
N GLU B 295 15.47 -9.90 33.03
CA GLU B 295 15.38 -11.25 33.58
C GLU B 295 14.01 -11.87 33.35
N VAL B 296 12.96 -11.05 33.27
CA VAL B 296 11.60 -11.56 33.15
C VAL B 296 11.18 -11.77 31.69
N TRP B 297 12.13 -11.66 30.76
CA TRP B 297 11.82 -11.68 29.33
C TRP B 297 10.99 -12.91 28.95
N HIS B 298 9.86 -12.66 28.28
CA HIS B 298 8.96 -13.70 27.77
C HIS B 298 8.53 -14.66 28.87
N THR B 299 8.30 -14.12 30.06
CA THR B 299 7.65 -14.83 31.16
C THR B 299 6.46 -14.00 31.64
N MET B 300 5.57 -14.66 32.39
CA MET B 300 4.43 -13.96 32.97
C MET B 300 4.84 -12.91 33.99
N ASP B 301 6.10 -12.92 34.43
CA ASP B 301 6.59 -11.90 35.32
C ASP B 301 6.99 -10.61 34.61
N ASP B 302 6.86 -10.53 33.28
CA ASP B 302 7.14 -9.25 32.60
C ASP B 302 5.89 -8.39 32.75
N ASN B 303 5.71 -7.85 33.94
CA ASN B 303 4.49 -7.20 34.36
C ASN B 303 4.82 -5.85 35.02
N GLU B 304 3.77 -5.19 35.50
CA GLU B 304 3.95 -3.84 36.04
C GLU B 304 4.77 -3.87 37.33
N GLU B 305 4.56 -4.88 38.17
CA GLU B 305 5.27 -4.98 39.45
C GLU B 305 6.78 -4.96 39.26
N ASN B 306 7.27 -5.54 38.17
CA ASN B 306 8.71 -5.69 38.00
C ASN B 306 9.36 -4.53 37.23
N LEU B 307 8.59 -3.52 36.85
CA LEU B 307 9.17 -2.34 36.24
C LEU B 307 9.87 -1.48 37.29
N ASP B 308 10.81 -0.65 36.81
CA ASP B 308 11.55 0.25 37.69
C ASP B 308 11.28 1.69 37.27
N GLU B 309 10.52 2.39 38.11
CA GLU B 309 10.09 3.76 37.82
C GLU B 309 11.28 4.69 37.53
N SER B 310 12.29 4.68 38.41
CA SER B 310 13.39 5.63 38.25
C SER B 310 14.14 5.41 36.95
N THR B 311 14.36 4.14 36.58
CA THR B 311 15.05 3.85 35.31
C THR B 311 14.29 4.45 34.14
N ILE B 312 12.97 4.25 34.10
CA ILE B 312 12.17 4.73 32.97
C ILE B 312 12.14 6.25 32.96
N ASP B 313 12.04 6.86 34.14
CA ASP B 313 12.06 8.31 34.26
C ASP B 313 13.35 8.88 33.69
N ASN B 314 14.49 8.30 34.09
CA ASN B 314 15.78 8.76 33.59
C ASN B 314 15.86 8.62 32.07
N LEU B 315 15.42 7.48 31.55
CA LEU B 315 15.47 7.27 30.11
C LEU B 315 14.53 8.21 29.36
N ASN B 316 13.38 8.56 29.96
CA ASN B 316 12.52 9.57 29.35
C ASN B 316 13.27 10.87 29.17
N LYS B 317 13.96 11.32 30.21
CA LYS B 317 14.72 12.56 30.13
C LYS B 317 15.81 12.47 29.08
N ILE B 318 16.57 11.36 29.06
CA ILE B 318 17.65 11.21 28.10
C ILE B 318 17.12 11.24 26.67
N LEU B 319 16.02 10.51 26.42
CA LEU B 319 15.47 10.43 25.07
C LEU B 319 14.91 11.76 24.62
N GLN B 320 14.20 12.46 25.51
CA GLN B 320 13.61 13.75 25.16
C GLN B 320 14.68 14.79 24.83
N VAL B 321 15.77 14.84 25.61
CA VAL B 321 16.88 15.71 25.25
C VAL B 321 17.43 15.34 23.88
N PHE B 322 17.65 14.04 23.65
CA PHE B 322 18.20 13.60 22.37
C PHE B 322 17.34 14.07 21.20
N VAL B 323 16.02 14.00 21.35
CA VAL B 323 15.13 14.34 20.24
C VAL B 323 15.14 15.85 19.97
N LEU B 324 15.09 16.66 21.03
CA LEU B 324 15.19 18.10 20.83
C LEU B 324 16.52 18.48 20.21
N GLU B 325 17.62 17.87 20.67
CA GLU B 325 18.92 18.20 20.08
C GLU B 325 18.98 17.76 18.63
N TYR B 326 18.37 16.64 18.28
CA TYR B 326 18.36 16.22 16.88
C TYR B 326 17.57 17.20 16.01
N LEU B 327 16.42 17.65 16.48
CA LEU B 327 15.53 18.51 15.70
C LEU B 327 15.89 19.99 15.80
N HIS B 328 16.88 20.34 16.63
CA HIS B 328 17.26 21.74 16.88
C HIS B 328 16.10 22.52 17.50
N LEU B 329 15.43 21.90 18.46
CA LEU B 329 14.31 22.53 19.16
C LEU B 329 14.68 22.86 20.60
O1 MES C . 11.70 0.85 -6.12
C2 MES C . 11.17 -0.40 -5.69
C3 MES C . 11.65 -0.72 -4.27
N4 MES C . 13.10 -0.64 -4.22
C5 MES C . 13.72 0.53 -4.82
C6 MES C . 13.11 0.77 -6.20
C7 MES C . 13.62 -0.98 -2.88
C8 MES C . 15.02 -1.56 -2.97
S MES C . 15.56 -1.91 -1.41
O1S MES C . 14.85 -3.10 -0.90
O2S MES C . 17.01 -2.18 -1.46
O3S MES C . 15.27 -0.70 -0.60
S SO4 D . 8.99 -7.21 -26.40
O1 SO4 D . 7.60 -7.00 -26.07
O2 SO4 D . 9.19 -7.51 -27.82
O3 SO4 D . 9.48 -8.38 -25.66
O4 SO4 D . 9.75 -6.01 -26.08
S SO4 E . -20.37 1.43 -0.89
O1 SO4 E . -21.32 0.49 -1.50
O2 SO4 E . -20.29 2.65 -1.68
O3 SO4 E . -20.82 1.75 0.46
O4 SO4 E . -19.04 0.79 -0.82
S SO4 F . -38.18 -4.13 -29.04
O1 SO4 F . -38.26 -5.59 -28.98
O2 SO4 F . -39.09 -3.64 -30.07
O3 SO4 F . -38.58 -3.57 -27.75
O4 SO4 F . -36.82 -3.72 -29.35
S SO4 G . 12.41 10.51 -18.95
O1 SO4 G . 12.62 9.74 -20.17
O2 SO4 G . 11.06 10.30 -18.47
O3 SO4 G . 12.61 11.94 -19.25
O4 SO4 G . 13.39 10.10 -17.95
S SO4 H . 13.81 6.72 -21.11
O1 SO4 H . 12.69 5.82 -20.91
O2 SO4 H . 13.43 7.82 -21.99
O3 SO4 H . 14.24 7.25 -19.83
O4 SO4 H . 14.92 6.00 -21.73
S SO4 I . -22.95 11.56 -22.68
O1 SO4 I . -23.81 10.48 -23.18
O2 SO4 I . -21.89 11.83 -23.63
O3 SO4 I . -22.38 11.15 -21.39
O4 SO4 I . -23.74 12.77 -22.48
S SO4 J . 1.74 7.55 -38.75
O1 SO4 J . 0.60 8.25 -38.19
O2 SO4 J . 1.53 7.35 -40.19
O3 SO4 J . 1.89 6.26 -38.09
O4 SO4 J . 2.95 8.35 -38.56
S SO4 K . -14.08 -11.89 8.78
O1 SO4 K . -13.12 -12.73 8.06
O2 SO4 K . -14.93 -11.18 7.82
O3 SO4 K . -14.92 -12.72 9.64
O4 SO4 K . -13.38 -10.91 9.59
ZN ZN L . 2.74 -4.00 -26.38
N PCA M . 3.24 -7.69 -24.92
CA PCA M . 2.66 -8.90 -24.34
CB PCA M . 1.15 -8.90 -24.56
CG PCA M . 0.76 -7.50 -24.96
CD PCA M . 2.08 -6.86 -25.26
OE PCA M . 2.13 -5.72 -25.72
C PCA M . 3.18 -10.27 -24.83
O PCA M . 2.52 -11.26 -24.54
N LEU N . 4.32 -10.32 -25.51
CA LEU N . 5.10 -11.54 -25.79
C LEU N . 4.42 -12.93 -25.62
O LEU N . 4.15 -13.37 -24.49
CB LEU N . 6.36 -11.51 -24.91
CG LEU N . 7.20 -12.78 -24.73
CD1 LEU N . 7.65 -13.34 -26.05
CD2 LEU N . 8.41 -12.50 -23.85
N TYR O . 4.19 -13.63 -26.73
CA TYR O . 3.85 -15.06 -26.73
C TYR O . 4.78 -15.85 -27.65
O TYR O . 5.45 -16.80 -27.22
CB TYR O . 2.38 -15.32 -27.15
CG TYR O . 1.96 -14.94 -28.57
CD1 TYR O . 0.77 -15.39 -29.13
CD2 TYR O . 2.74 -14.11 -29.33
CE1 TYR O . 0.39 -15.03 -30.43
CE2 TYR O . 2.39 -13.76 -30.61
CZ TYR O . 1.24 -14.20 -31.16
OH TYR O . 0.98 -13.76 -32.44
S SO4 P . 9.06 -18.13 20.19
O1 SO4 P . 9.90 -18.79 19.20
O2 SO4 P . 7.65 -18.15 19.78
O3 SO4 P . 9.11 -18.83 21.47
O4 SO4 P . 9.53 -16.75 20.35
S SO4 Q . -1.02 17.50 29.75
O1 SO4 Q . -1.57 16.19 29.44
O2 SO4 Q . -1.76 18.51 29.00
O3 SO4 Q . -1.15 17.76 31.18
O4 SO4 Q . 0.39 17.57 29.38
S SO4 R . 10.42 -9.85 3.81
O1 SO4 R . 8.95 -9.90 3.79
O2 SO4 R . 10.90 -9.75 2.44
O3 SO4 R . 10.93 -11.05 4.44
O4 SO4 R . 10.87 -8.67 4.55
S SO4 S . 0.42 -11.10 37.39
O1 SO4 S . -0.40 -12.30 37.20
O2 SO4 S . -0.22 -9.95 36.76
O3 SO4 S . 0.56 -10.85 38.82
O4 SO4 S . 1.73 -11.29 36.78
S SO4 T . 3.68 19.10 5.70
O1 SO4 T . 4.20 17.77 5.43
O2 SO4 T . 2.66 19.37 4.69
O3 SO4 T . 3.06 19.18 7.01
O4 SO4 T . 4.78 20.06 5.61
S SO4 U . 28.46 7.74 41.00
O1 SO4 U . 29.08 6.42 41.01
O2 SO4 U . 27.76 7.93 39.75
O3 SO4 U . 27.50 7.85 42.11
O4 SO4 U . 29.47 8.77 41.14
S SO4 V . -5.56 -16.83 17.12
O1 SO4 V . -6.12 -17.76 16.15
O2 SO4 V . -5.12 -15.61 16.42
O3 SO4 V . -6.57 -16.48 18.11
O4 SO4 V . -4.43 -17.47 17.78
S SO4 W . -8.39 14.98 27.61
O1 SO4 W . -9.45 14.11 27.11
O2 SO4 W . -7.17 14.73 26.86
O3 SO4 W . -8.13 14.71 29.02
O4 SO4 W . -8.77 16.38 27.44
S SO4 X . 12.57 14.57 -8.47
O1 SO4 X . 12.52 13.21 -9.02
O2 SO4 X . 11.33 15.27 -8.80
O3 SO4 X . 12.72 14.48 -7.02
O4 SO4 X . 13.71 15.29 -9.04
ZN ZN Y . 9.07 -10.28 23.06
N GLN Z . 11.78 -11.06 19.95
CA GLN Z . 12.93 -10.36 19.38
C GLN Z . 14.25 -11.03 19.76
O GLN Z . 15.19 -10.36 20.16
CB GLN Z . 12.95 -8.90 19.84
CG GLN Z . 12.63 -8.68 21.31
CD GLN Z . 11.13 -8.68 21.58
OE1 GLN Z . 10.57 -9.67 22.04
NE2 GLN Z . 10.47 -7.56 21.30
N LEU AA . 14.31 -12.36 19.62
CA LEU AA . 15.44 -13.14 20.12
C LEU AA . 16.47 -13.34 19.02
O LEU AA . 16.15 -13.83 17.94
CB LEU AA . 14.97 -14.49 20.68
CG LEU AA . 13.84 -15.40 20.14
CD1 LEU AA . 12.43 -14.77 20.22
CD2 LEU AA . 14.13 -15.93 18.75
N TYR BA . 17.72 -12.97 19.32
CA TYR BA . 18.82 -12.84 18.35
C TYR BA . 18.36 -12.57 16.93
O TYR BA . 17.98 -13.49 16.20
CB TYR BA . 19.73 -14.08 18.35
CG TYR BA . 20.61 -14.14 17.12
CD1 TYR BA . 20.42 -15.10 16.13
CD2 TYR BA . 21.60 -13.18 16.91
CE1 TYR BA . 21.20 -15.13 14.99
CE2 TYR BA . 22.39 -13.20 15.77
CZ TYR BA . 22.19 -14.18 14.82
OH TYR BA . 22.97 -14.21 13.68
N PCA CA . 11.95 -10.99 20.34
CA PCA CA . 13.01 -10.44 19.50
CB PCA CA . 13.23 -8.96 19.80
CG PCA CA . 12.44 -8.64 21.04
CD PCA CA . 11.63 -9.89 21.26
OE PCA CA . 10.78 -9.96 22.14
C PCA CA . 14.32 -11.19 19.66
O PCA CA . 15.38 -10.59 19.54
N LEU DA . 14.24 -12.48 19.95
CA LEU DA . 15.43 -13.30 20.17
C LEU DA . 16.32 -13.29 18.93
O LEU DA . 15.81 -13.25 17.80
CB LEU DA . 15.05 -14.75 20.54
CG LEU DA . 14.03 -15.66 19.84
CD1 LEU DA . 12.60 -15.13 19.86
CD2 LEU DA . 14.46 -16.02 18.42
N TYR EA . 17.64 -13.33 19.16
CA TYR EA . 18.69 -13.09 18.16
C TYR EA . 18.23 -12.97 16.73
O TYR EA . 17.79 -13.94 16.11
CB TYR EA . 19.77 -14.18 18.22
CG TYR EA . 20.66 -14.17 17.00
CD1 TYR EA . 20.56 -15.15 16.02
CD2 TYR EA . 21.59 -13.15 16.81
CE1 TYR EA . 21.36 -15.12 14.89
CE2 TYR EA . 22.40 -13.12 15.69
CZ TYR EA . 22.28 -14.10 14.74
OH TYR EA . 23.08 -14.07 13.62
#